data_4NU7
#
_entry.id   4NU7
#
_cell.length_a   138.510
_cell.length_b   138.510
_cell.length_c   349.329
_cell.angle_alpha   90.00
_cell.angle_beta   90.00
_cell.angle_gamma   120.00
#
_symmetry.space_group_name_H-M   'H 3 2'
#
loop_
_entity.id
_entity.type
_entity.pdbx_description
1 polymer 'Ribulose-phosphate 3-epimerase'
2 non-polymer 'CHLORIDE ION'
3 non-polymer 'ZINC ION'
4 non-polymer 'SULFATE ION'
5 water water
#
_entity_poly.entity_id   1
_entity_poly.type   'polypeptide(L)'
_entity_poly.pdbx_seq_one_letter_code
;MSSQLKPIICPSVLASDLSSLASDAKRMVDAGCDWLHLDIMDGHFVPNISFGPGVVKALRGHLKSAFFDVHLMVSEPEKW
IQPFADAGANSITFHWESVGGDLQRAAELAKRIQARGIKAGLAIKPATKFEDLGEALAGDNFDMLLVMTVEPGFGGQKFM
ADMLQKVRTARSLFPKLNIQVDGGLDGETVKPAASAGANVIVAGTSMFKAENPAALMTFMRDVIAASDTLGENLYFQSAG
HHHHHH
;
_entity_poly.pdbx_strand_id   A,B,C,D
#
# COMPACT_ATOMS: atom_id res chain seq x y z
N GLN A 4 -5.57 -26.98 -30.56
CA GLN A 4 -4.70 -25.80 -30.79
C GLN A 4 -5.21 -24.55 -30.02
N LEU A 5 -4.37 -23.52 -30.01
CA LEU A 5 -4.69 -22.25 -29.36
C LEU A 5 -5.89 -21.57 -29.98
N LYS A 6 -6.82 -21.12 -29.15
CA LYS A 6 -8.00 -20.42 -29.62
C LYS A 6 -7.87 -18.94 -29.32
N PRO A 7 -8.39 -18.08 -30.22
CA PRO A 7 -8.38 -16.64 -29.95
C PRO A 7 -9.47 -16.36 -28.94
N ILE A 8 -9.17 -15.69 -27.85
CA ILE A 8 -10.16 -15.45 -26.80
C ILE A 8 -10.10 -13.97 -26.40
N ILE A 9 -11.23 -13.28 -26.53
CA ILE A 9 -11.29 -11.85 -26.20
C ILE A 9 -12.15 -11.66 -24.96
N CYS A 10 -11.62 -10.91 -24.02
CA CYS A 10 -12.24 -10.73 -22.72
C CYS A 10 -12.39 -9.27 -22.31
N PRO A 11 -13.54 -8.67 -22.59
CA PRO A 11 -13.78 -7.32 -22.09
C PRO A 11 -13.67 -7.27 -20.54
N SER A 12 -12.96 -6.27 -20.03
N SER A 12 -12.96 -6.28 -20.01
CA SER A 12 -12.81 -6.06 -18.59
CA SER A 12 -12.82 -6.13 -18.56
C SER A 12 -13.96 -5.18 -18.13
C SER A 12 -13.90 -5.18 -18.06
N VAL A 13 -14.82 -5.72 -17.26
CA VAL A 13 -16.00 -4.96 -16.78
C VAL A 13 -15.69 -3.77 -15.89
N LEU A 14 -14.46 -3.72 -15.39
CA LEU A 14 -14.05 -2.63 -14.54
C LEU A 14 -14.10 -1.36 -15.33
N ALA A 15 -14.06 -1.48 -16.66
CA ALA A 15 -14.08 -0.32 -17.55
C ALA A 15 -15.50 0.19 -17.87
N SER A 16 -16.52 -0.58 -17.50
CA SER A 16 -17.93 -0.22 -17.78
C SER A 16 -18.54 0.71 -16.72
N ASP A 17 -19.87 0.87 -16.75
CA ASP A 17 -20.55 1.65 -15.71
C ASP A 17 -20.65 0.71 -14.52
N LEU A 18 -19.87 1.00 -13.50
CA LEU A 18 -19.78 0.16 -12.32
C LEU A 18 -21.11 0.01 -11.53
N SER A 19 -22.07 0.91 -11.73
CA SER A 19 -23.36 0.83 -11.04
C SER A 19 -24.43 0.14 -11.89
N SER A 20 -24.06 -0.29 -13.11
CA SER A 20 -24.95 -1.04 -14.00
C SER A 20 -24.15 -2.14 -14.71
N LEU A 21 -23.41 -2.91 -13.91
CA LEU A 21 -22.54 -3.96 -14.44
C LEU A 21 -23.23 -5.04 -15.27
N ALA A 22 -24.42 -5.46 -14.84
CA ALA A 22 -25.14 -6.53 -15.54
C ALA A 22 -25.54 -6.12 -16.94
N SER A 23 -26.01 -4.89 -17.08
N SER A 23 -26.03 -4.89 -17.10
CA SER A 23 -26.44 -4.37 -18.36
CA SER A 23 -26.43 -4.38 -18.41
C SER A 23 -25.25 -4.25 -19.32
C SER A 23 -25.24 -4.25 -19.34
N ASP A 24 -24.13 -3.75 -18.80
CA ASP A 24 -22.91 -3.59 -19.59
C ASP A 24 -22.25 -4.92 -19.98
N ALA A 25 -22.32 -5.88 -19.07
CA ALA A 25 -21.78 -7.21 -19.31
C ALA A 25 -22.64 -7.90 -20.38
N LYS A 26 -23.95 -7.71 -20.30
CA LYS A 26 -24.86 -8.30 -21.29
C LYS A 26 -24.60 -7.74 -22.70
N ARG A 27 -24.23 -6.46 -22.77
CA ARG A 27 -23.87 -5.83 -24.05
C ARG A 27 -22.68 -6.55 -24.65
N MET A 28 -21.66 -6.76 -23.83
CA MET A 28 -20.45 -7.44 -24.27
C MET A 28 -20.75 -8.87 -24.67
N VAL A 29 -21.58 -9.55 -23.88
CA VAL A 29 -21.96 -10.91 -24.22
C VAL A 29 -22.71 -10.88 -25.57
N ASP A 30 -23.65 -9.96 -25.73
CA ASP A 30 -24.37 -9.88 -27.01
C ASP A 30 -23.48 -9.47 -28.17
N ALA A 31 -22.37 -8.79 -27.90
CA ALA A 31 -21.45 -8.39 -28.96
C ALA A 31 -20.49 -9.53 -29.28
N GLY A 32 -20.73 -10.70 -28.68
CA GLY A 32 -19.92 -11.87 -28.93
C GLY A 32 -18.58 -12.02 -28.21
N CYS A 33 -18.45 -11.54 -26.98
CA CYS A 33 -17.19 -11.72 -26.28
C CYS A 33 -17.04 -13.20 -25.93
N ASP A 34 -15.82 -13.65 -25.69
CA ASP A 34 -15.57 -15.03 -25.28
C ASP A 34 -15.66 -15.13 -23.77
N TRP A 35 -14.92 -14.25 -23.09
CA TRP A 35 -14.89 -14.22 -21.63
C TRP A 35 -15.24 -12.82 -21.12
N LEU A 36 -15.60 -12.75 -19.83
CA LEU A 36 -15.77 -11.48 -19.12
C LEU A 36 -14.65 -11.46 -18.07
N HIS A 37 -13.76 -10.47 -18.19
CA HIS A 37 -12.61 -10.33 -17.31
C HIS A 37 -13.00 -9.46 -16.13
N LEU A 38 -12.85 -10.03 -14.93
CA LEU A 38 -13.29 -9.40 -13.70
C LEU A 38 -12.10 -9.14 -12.78
N ASP A 39 -11.68 -7.89 -12.70
CA ASP A 39 -10.53 -7.48 -11.89
C ASP A 39 -10.93 -7.24 -10.42
N ILE A 40 -10.32 -8.02 -9.53
CA ILE A 40 -10.58 -7.97 -8.10
C ILE A 40 -9.38 -7.30 -7.45
N MET A 41 -9.62 -6.15 -6.84
CA MET A 41 -8.54 -5.35 -6.25
C MET A 41 -8.91 -5.09 -4.79
N ASP A 42 -7.97 -5.37 -3.89
CA ASP A 42 -8.20 -5.25 -2.44
C ASP A 42 -7.62 -4.03 -1.72
N GLY A 43 -7.13 -3.06 -2.48
CA GLY A 43 -6.63 -1.84 -1.89
C GLY A 43 -5.28 -1.99 -1.22
N HIS A 44 -4.70 -3.19 -1.26
CA HIS A 44 -3.39 -3.43 -0.68
C HIS A 44 -2.43 -3.88 -1.77
N PHE A 45 -2.75 -4.93 -2.47
CA PHE A 45 -1.87 -5.38 -3.55
C PHE A 45 -1.73 -4.30 -4.62
N VAL A 46 -2.81 -3.55 -4.87
CA VAL A 46 -2.77 -2.39 -5.77
C VAL A 46 -3.50 -1.32 -4.98
N PRO A 47 -3.31 -0.04 -5.31
N PRO A 47 -3.24 -0.04 -5.27
CA PRO A 47 -3.90 0.94 -4.42
CA PRO A 47 -3.91 1.03 -4.51
C PRO A 47 -5.41 1.11 -4.50
C PRO A 47 -5.31 1.39 -5.05
N ASN A 48 -6.09 0.50 -5.45
N ASN A 48 -6.16 0.38 -5.08
CA ASN A 48 -7.52 0.68 -5.48
CA ASN A 48 -7.48 0.55 -5.60
C ASN A 48 -8.29 -0.55 -5.05
C ASN A 48 -8.32 -0.61 -5.12
N ILE A 49 -9.59 -0.35 -4.85
CA ILE A 49 -10.55 -1.39 -4.49
C ILE A 49 -11.58 -1.39 -5.63
N SER A 50 -11.81 -2.55 -6.23
CA SER A 50 -12.78 -2.64 -7.34
C SER A 50 -14.11 -3.20 -6.86
N PHE A 51 -14.20 -4.52 -6.79
CA PHE A 51 -15.39 -5.18 -6.32
C PHE A 51 -15.00 -6.61 -5.92
N GLY A 52 -15.92 -7.30 -5.28
CA GLY A 52 -15.68 -8.61 -4.75
C GLY A 52 -16.61 -9.70 -5.21
N PRO A 53 -16.65 -10.78 -4.46
CA PRO A 53 -17.45 -11.95 -4.82
C PRO A 53 -18.93 -11.67 -4.98
N GLY A 54 -19.45 -10.76 -4.15
CA GLY A 54 -20.88 -10.43 -4.25
C GLY A 54 -21.27 -9.91 -5.63
N VAL A 55 -20.41 -9.07 -6.21
CA VAL A 55 -20.68 -8.53 -7.53
C VAL A 55 -20.67 -9.64 -8.57
N VAL A 56 -19.67 -10.50 -8.45
CA VAL A 56 -19.53 -11.60 -9.39
C VAL A 56 -20.73 -12.55 -9.32
N LYS A 57 -21.15 -12.83 -8.10
CA LYS A 57 -22.28 -13.72 -7.89
C LYS A 57 -23.56 -13.12 -8.49
N ALA A 58 -23.74 -11.82 -8.28
CA ALA A 58 -24.93 -11.15 -8.81
C ALA A 58 -24.91 -11.22 -10.34
N LEU A 59 -23.73 -11.06 -10.93
CA LEU A 59 -23.62 -11.12 -12.40
C LEU A 59 -23.95 -12.48 -12.93
N ARG A 60 -23.52 -13.51 -12.22
CA ARG A 60 -23.78 -14.89 -12.61
C ARG A 60 -25.28 -15.12 -12.70
N GLY A 61 -26.02 -14.53 -11.76
CA GLY A 61 -27.48 -14.63 -11.73
C GLY A 61 -28.14 -14.12 -12.99
N HIS A 62 -27.56 -13.10 -13.61
CA HIS A 62 -28.09 -12.51 -14.83
C HIS A 62 -27.48 -13.14 -16.09
N LEU A 63 -26.26 -13.63 -16.01
CA LEU A 63 -25.56 -14.19 -17.16
C LEU A 63 -25.13 -15.58 -16.81
N LYS A 64 -26.05 -16.50 -16.98
CA LYS A 64 -25.83 -17.88 -16.58
C LYS A 64 -24.87 -18.71 -17.41
N SER A 65 -24.61 -18.34 -18.66
N SER A 65 -24.64 -18.34 -18.67
CA SER A 65 -23.71 -19.14 -19.48
CA SER A 65 -23.76 -19.13 -19.53
C SER A 65 -22.37 -18.47 -19.74
C SER A 65 -22.45 -18.40 -19.90
N ALA A 66 -22.26 -17.19 -19.38
CA ALA A 66 -21.02 -16.46 -19.64
C ALA A 66 -19.80 -17.07 -18.90
N PHE A 67 -18.64 -16.94 -19.52
CA PHE A 67 -17.41 -17.41 -18.96
C PHE A 67 -16.78 -16.27 -18.13
N PHE A 68 -16.65 -16.50 -16.83
CA PHE A 68 -16.10 -15.52 -15.89
C PHE A 68 -14.62 -15.79 -15.62
N ASP A 69 -13.80 -14.82 -16.01
CA ASP A 69 -12.34 -14.84 -15.86
C ASP A 69 -11.99 -13.88 -14.73
N VAL A 70 -11.74 -14.44 -13.53
CA VAL A 70 -11.45 -13.64 -12.32
C VAL A 70 -9.95 -13.40 -12.13
N HIS A 71 -9.57 -12.14 -12.07
CA HIS A 71 -8.17 -11.75 -11.89
C HIS A 71 -7.99 -11.17 -10.50
N LEU A 72 -7.28 -11.92 -9.67
CA LEU A 72 -7.05 -11.54 -8.29
C LEU A 72 -5.84 -10.65 -8.10
N MET A 73 -6.09 -9.35 -7.97
CA MET A 73 -5.04 -8.39 -7.65
C MET A 73 -5.21 -8.10 -6.16
N VAL A 74 -4.90 -9.13 -5.40
CA VAL A 74 -5.09 -9.10 -3.95
C VAL A 74 -3.85 -9.67 -3.27
N SER A 75 -3.70 -9.36 -2.00
CA SER A 75 -2.57 -9.80 -1.22
C SER A 75 -2.53 -11.28 -0.85
N GLU A 76 -3.70 -11.86 -0.59
N GLU A 76 -3.70 -11.87 -0.58
CA GLU A 76 -3.79 -13.25 -0.14
CA GLU A 76 -3.77 -13.26 -0.11
C GLU A 76 -4.80 -14.01 -0.95
C GLU A 76 -4.78 -14.03 -0.94
N PRO A 77 -4.39 -14.47 -2.13
CA PRO A 77 -5.32 -15.14 -3.02
C PRO A 77 -5.95 -16.40 -2.51
N GLU A 78 -5.27 -17.11 -1.60
CA GLU A 78 -5.84 -18.34 -1.05
C GLU A 78 -7.24 -18.14 -0.43
N LYS A 79 -7.44 -17.00 0.22
CA LYS A 79 -8.69 -16.66 0.91
C LYS A 79 -9.86 -16.43 -0.04
N TRP A 80 -9.58 -16.23 -1.32
CA TRP A 80 -10.63 -15.84 -2.26
C TRP A 80 -11.06 -16.96 -3.18
N ILE A 81 -10.40 -18.10 -3.12
CA ILE A 81 -10.73 -19.18 -4.06
C ILE A 81 -12.15 -19.66 -3.84
N GLN A 82 -12.50 -19.96 -2.58
CA GLN A 82 -13.84 -20.50 -2.33
C GLN A 82 -14.93 -19.45 -2.58
N PRO A 83 -14.76 -18.21 -2.14
CA PRO A 83 -15.78 -17.23 -2.43
C PRO A 83 -15.97 -17.01 -3.94
N PHE A 84 -14.89 -16.96 -4.71
CA PHE A 84 -15.11 -16.73 -6.15
C PHE A 84 -15.59 -17.97 -6.88
N ALA A 85 -15.20 -19.14 -6.40
CA ALA A 85 -15.71 -20.38 -6.98
C ALA A 85 -17.22 -20.43 -6.76
N ASP A 86 -17.67 -20.11 -5.55
N ASP A 86 -17.65 -20.11 -5.55
CA ASP A 86 -19.11 -20.11 -5.23
CA ASP A 86 -19.07 -20.07 -5.20
C ASP A 86 -19.84 -19.01 -5.99
C ASP A 86 -19.80 -19.06 -6.07
N ALA A 87 -19.15 -17.92 -6.30
CA ALA A 87 -19.76 -16.85 -7.08
C ALA A 87 -19.87 -17.19 -8.58
N GLY A 88 -19.20 -18.23 -9.04
CA GLY A 88 -19.32 -18.66 -10.43
C GLY A 88 -18.13 -18.51 -11.34
N ALA A 89 -16.95 -18.26 -10.80
CA ALA A 89 -15.76 -18.13 -11.65
C ALA A 89 -15.49 -19.38 -12.46
N ASN A 90 -15.06 -19.19 -13.72
CA ASN A 90 -14.71 -20.30 -14.61
C ASN A 90 -13.18 -20.39 -14.73
N SER A 91 -12.53 -19.28 -14.41
CA SER A 91 -11.10 -19.20 -14.38
C SER A 91 -10.72 -18.21 -13.31
N ILE A 92 -9.66 -18.53 -12.58
CA ILE A 92 -9.12 -17.66 -11.53
C ILE A 92 -7.62 -17.54 -11.74
N THR A 93 -7.19 -16.30 -11.87
CA THR A 93 -5.82 -15.97 -12.04
C THR A 93 -5.31 -15.27 -10.80
N PHE A 94 -4.18 -15.74 -10.27
CA PHE A 94 -3.56 -15.03 -9.16
C PHE A 94 -2.13 -14.65 -9.54
N HIS A 95 -1.59 -13.69 -8.80
CA HIS A 95 -0.27 -13.20 -9.06
C HIS A 95 0.83 -13.94 -8.34
N TRP A 96 1.88 -14.17 -9.10
CA TRP A 96 3.12 -14.72 -8.57
C TRP A 96 3.61 -13.91 -7.39
N GLU A 97 3.48 -12.58 -7.46
CA GLU A 97 4.00 -11.72 -6.41
C GLU A 97 3.12 -11.82 -5.13
N SER A 98 1.85 -12.18 -5.27
CA SER A 98 0.94 -12.36 -4.14
C SER A 98 1.28 -13.57 -3.33
N VAL A 99 1.90 -14.59 -3.95
CA VAL A 99 2.28 -15.82 -3.23
C VAL A 99 3.76 -15.84 -2.94
N GLY A 100 4.34 -14.64 -2.85
CA GLY A 100 5.73 -14.46 -2.52
C GLY A 100 6.74 -15.06 -3.45
N GLY A 101 6.37 -15.26 -4.71
CA GLY A 101 7.30 -15.92 -5.65
C GLY A 101 7.69 -17.33 -5.17
N ASP A 102 6.79 -17.95 -4.43
CA ASP A 102 7.06 -19.26 -3.83
C ASP A 102 6.45 -20.31 -4.73
N LEU A 103 7.30 -21.07 -5.38
CA LEU A 103 6.88 -22.08 -6.36
C LEU A 103 5.89 -23.11 -5.79
N GLN A 104 6.15 -23.62 -4.59
N GLN A 104 6.27 -23.71 -4.67
CA GLN A 104 5.26 -24.62 -3.99
CA GLN A 104 5.49 -24.75 -4.01
C GLN A 104 3.90 -23.99 -3.58
C GLN A 104 4.08 -24.25 -3.78
N ARG A 105 3.93 -22.75 -3.12
N ARG A 105 4.01 -23.08 -3.15
CA ARG A 105 2.70 -22.09 -2.77
CA ARG A 105 2.74 -22.43 -2.87
C ARG A 105 1.86 -21.90 -4.06
C ARG A 105 1.93 -22.20 -4.14
N ALA A 106 2.53 -21.57 -5.15
CA ALA A 106 1.83 -21.31 -6.40
C ALA A 106 1.26 -22.56 -7.03
N ALA A 107 2.07 -23.61 -7.10
CA ALA A 107 1.65 -24.88 -7.67
C ALA A 107 0.46 -25.45 -6.89
N GLU A 108 0.56 -25.34 -5.58
CA GLU A 108 -0.48 -25.83 -4.73
C GLU A 108 -1.80 -25.05 -4.94
N LEU A 109 -1.72 -23.71 -4.97
CA LEU A 109 -2.93 -22.93 -5.16
C LEU A 109 -3.62 -23.25 -6.49
N ALA A 110 -2.82 -23.47 -7.52
CA ALA A 110 -3.35 -23.79 -8.84
C ALA A 110 -4.15 -25.07 -8.79
N LYS A 111 -3.66 -26.06 -8.05
CA LYS A 111 -4.37 -27.34 -8.00
C LYS A 111 -5.65 -27.21 -7.20
N ARG A 112 -5.63 -26.33 -6.22
CA ARG A 112 -6.80 -26.09 -5.41
C ARG A 112 -7.92 -25.51 -6.27
N ILE A 113 -7.55 -24.58 -7.14
CA ILE A 113 -8.49 -23.98 -8.11
C ILE A 113 -8.99 -25.04 -9.11
N GLN A 114 -8.06 -25.83 -9.67
CA GLN A 114 -8.42 -26.85 -10.63
C GLN A 114 -9.31 -27.97 -10.07
N ALA A 115 -9.14 -28.25 -8.78
CA ALA A 115 -9.95 -29.26 -8.16
C ALA A 115 -11.44 -28.90 -8.26
N ARG A 116 -11.72 -27.60 -8.28
N ARG A 116 -11.78 -27.62 -8.24
CA ARG A 116 -13.08 -27.05 -8.37
CA ARG A 116 -13.18 -27.22 -8.36
C ARG A 116 -13.58 -26.96 -9.81
C ARG A 116 -13.66 -27.10 -9.80
N GLY A 117 -12.80 -27.47 -10.76
CA GLY A 117 -13.20 -27.44 -12.18
C GLY A 117 -13.02 -26.07 -12.78
N ILE A 118 -12.16 -25.27 -12.17
CA ILE A 118 -11.90 -23.93 -12.59
C ILE A 118 -10.49 -23.87 -13.19
N LYS A 119 -10.32 -23.08 -14.26
CA LYS A 119 -9.00 -22.94 -14.85
C LYS A 119 -8.14 -22.05 -13.92
N ALA A 120 -6.85 -22.37 -13.85
CA ALA A 120 -5.91 -21.64 -13.02
C ALA A 120 -4.94 -20.82 -13.84
N GLY A 121 -4.88 -19.52 -13.56
CA GLY A 121 -3.93 -18.66 -14.28
C GLY A 121 -2.92 -18.06 -13.32
N LEU A 122 -1.74 -17.79 -13.84
CA LEU A 122 -0.68 -17.17 -13.06
C LEU A 122 -0.34 -15.84 -13.75
N ALA A 123 -0.33 -14.77 -12.97
CA ALA A 123 -0.04 -13.44 -13.51
C ALA A 123 1.29 -12.90 -13.07
N ILE A 124 1.89 -12.07 -13.92
CA ILE A 124 3.12 -11.37 -13.53
C ILE A 124 3.07 -9.91 -13.86
N LYS A 125 3.50 -9.12 -12.88
CA LYS A 125 3.60 -7.67 -13.01
C LYS A 125 4.76 -7.26 -13.92
N PRO A 126 4.74 -6.01 -14.40
CA PRO A 126 5.82 -5.59 -15.28
C PRO A 126 7.20 -5.78 -14.74
N ALA A 127 7.43 -5.38 -13.49
CA ALA A 127 8.79 -5.51 -12.94
C ALA A 127 9.18 -6.93 -12.70
N THR A 128 8.26 -7.88 -12.78
CA THR A 128 8.65 -9.29 -12.55
C THR A 128 9.16 -9.93 -13.84
N LYS A 129 10.43 -10.33 -13.85
CA LYS A 129 11.05 -10.95 -15.03
C LYS A 129 10.48 -12.34 -15.25
N PHE A 130 10.28 -12.70 -16.51
CA PHE A 130 9.77 -14.02 -16.83
C PHE A 130 10.64 -15.14 -16.26
N GLU A 131 11.96 -15.00 -16.34
CA GLU A 131 12.83 -16.03 -15.80
C GLU A 131 12.59 -16.24 -14.28
N ASP A 132 12.06 -15.24 -13.57
CA ASP A 132 11.82 -15.42 -12.12
C ASP A 132 10.83 -16.52 -11.81
N LEU A 133 10.07 -16.97 -12.82
CA LEU A 133 9.07 -18.00 -12.60
C LEU A 133 9.71 -19.35 -12.42
N GLY A 134 10.93 -19.51 -12.90
CA GLY A 134 11.57 -20.81 -12.87
C GLY A 134 10.66 -21.78 -13.61
N GLU A 135 10.39 -22.92 -12.98
CA GLU A 135 9.58 -23.95 -13.56
C GLU A 135 8.12 -23.84 -13.18
N ALA A 136 7.66 -22.68 -12.75
CA ALA A 136 6.25 -22.55 -12.35
C ALA A 136 5.29 -23.01 -13.44
N LEU A 137 5.63 -22.75 -14.68
CA LEU A 137 4.74 -23.10 -15.79
C LEU A 137 4.96 -24.51 -16.33
N ALA A 138 5.95 -25.23 -15.80
CA ALA A 138 6.18 -26.59 -16.23
C ALA A 138 5.04 -27.55 -15.79
N GLY A 139 4.95 -28.66 -16.53
CA GLY A 139 4.01 -29.75 -16.25
C GLY A 139 2.56 -29.43 -16.01
N ASP A 140 1.97 -28.58 -16.84
CA ASP A 140 0.55 -28.25 -16.67
C ASP A 140 0.14 -27.81 -15.27
N ASN A 141 1.05 -27.14 -14.56
CA ASN A 141 0.67 -26.52 -13.29
C ASN A 141 -0.48 -25.54 -13.55
N PHE A 142 -0.30 -24.71 -14.58
CA PHE A 142 -1.28 -23.67 -14.92
C PHE A 142 -1.92 -23.83 -16.28
N ASP A 143 -3.12 -23.31 -16.39
CA ASP A 143 -3.92 -23.32 -17.61
C ASP A 143 -3.69 -22.04 -18.43
N MET A 144 -3.08 -21.04 -17.81
CA MET A 144 -2.87 -19.77 -18.46
C MET A 144 -1.84 -18.93 -17.74
N LEU A 145 -1.12 -18.14 -18.52
CA LEU A 145 -0.20 -17.15 -18.02
C LEU A 145 -0.75 -15.79 -18.42
N LEU A 146 -0.78 -14.88 -17.46
CA LEU A 146 -1.19 -13.52 -17.72
C LEU A 146 0.00 -12.63 -17.58
N VAL A 147 0.38 -12.01 -18.70
CA VAL A 147 1.47 -11.06 -18.71
C VAL A 147 0.85 -9.66 -18.69
N MET A 148 1.03 -8.94 -17.59
CA MET A 148 0.50 -7.58 -17.51
C MET A 148 1.27 -6.69 -18.48
N THR A 149 0.54 -5.94 -19.30
CA THR A 149 1.17 -5.01 -20.24
C THR A 149 1.05 -3.55 -19.78
N VAL A 150 0.60 -3.37 -18.53
CA VAL A 150 0.55 -2.05 -17.84
C VAL A 150 0.70 -2.38 -16.37
N GLU A 151 0.98 -1.38 -15.58
N GLU A 151 1.03 -1.39 -15.56
CA GLU A 151 1.14 -1.57 -14.15
CA GLU A 151 1.10 -1.64 -14.14
C GLU A 151 -0.29 -1.82 -13.61
C GLU A 151 -0.33 -1.91 -13.71
N PRO A 152 -0.54 -2.98 -12.95
CA PRO A 152 -1.93 -3.27 -12.56
C PRO A 152 -2.52 -2.30 -11.56
N GLY A 153 -3.86 -2.19 -11.60
CA GLY A 153 -4.61 -1.37 -10.64
C GLY A 153 -5.32 -0.18 -11.22
N PHE A 154 -5.01 0.13 -12.49
CA PHE A 154 -5.57 1.30 -13.16
C PHE A 154 -5.85 0.98 -14.61
N GLY A 155 -6.90 1.57 -15.14
CA GLY A 155 -7.27 1.38 -16.54
C GLY A 155 -6.86 2.60 -17.33
N GLY A 156 -6.94 2.52 -18.65
CA GLY A 156 -6.60 3.65 -19.51
C GLY A 156 -5.11 3.92 -19.66
N GLN A 157 -4.24 3.04 -19.15
CA GLN A 157 -2.79 3.25 -19.27
C GLN A 157 -2.28 2.82 -20.64
N LYS A 158 -1.06 3.25 -20.94
CA LYS A 158 -0.42 2.96 -22.21
C LYS A 158 0.31 1.60 -22.21
N PHE A 159 0.01 0.83 -23.25
CA PHE A 159 0.57 -0.50 -23.50
C PHE A 159 2.09 -0.45 -23.45
N MET A 160 2.68 -1.37 -22.68
CA MET A 160 4.14 -1.46 -22.52
C MET A 160 4.64 -2.57 -23.44
N ALA A 161 5.01 -2.23 -24.66
CA ALA A 161 5.43 -3.23 -25.64
C ALA A 161 6.59 -4.08 -25.20
N ASP A 162 7.50 -3.52 -24.40
CA ASP A 162 8.66 -4.27 -23.90
C ASP A 162 8.25 -5.51 -23.09
N MET A 163 7.02 -5.52 -22.56
CA MET A 163 6.56 -6.70 -21.81
C MET A 163 6.27 -7.89 -22.74
N LEU A 164 6.17 -7.64 -24.05
CA LEU A 164 5.90 -8.71 -24.99
C LEU A 164 7.04 -9.73 -25.10
N GLN A 165 8.24 -9.36 -24.68
CA GLN A 165 9.34 -10.34 -24.67
C GLN A 165 9.01 -11.51 -23.72
N LYS A 166 8.30 -11.23 -22.62
CA LYS A 166 7.88 -12.28 -21.69
C LYS A 166 6.93 -13.24 -22.41
N VAL A 167 6.03 -12.66 -23.20
CA VAL A 167 5.08 -13.46 -24.00
C VAL A 167 5.85 -14.34 -24.99
N ARG A 168 6.77 -13.75 -25.73
CA ARG A 168 7.54 -14.50 -26.71
C ARG A 168 8.24 -15.68 -26.11
N THR A 169 8.92 -15.44 -24.99
CA THR A 169 9.65 -16.49 -24.32
C THR A 169 8.69 -17.58 -23.86
N ALA A 170 7.60 -17.17 -23.22
CA ALA A 170 6.61 -18.11 -22.75
C ALA A 170 6.06 -18.93 -23.92
N ARG A 171 5.72 -18.27 -25.03
CA ARG A 171 5.19 -19.00 -26.19
C ARG A 171 6.18 -20.03 -26.75
N SER A 172 7.46 -19.68 -26.79
N SER A 172 7.46 -19.67 -26.78
CA SER A 172 8.50 -20.60 -27.29
CA SER A 172 8.51 -20.57 -27.28
C SER A 172 8.56 -21.86 -26.44
C SER A 172 8.59 -21.84 -26.45
N LEU A 173 8.47 -21.70 -25.13
CA LEU A 173 8.56 -22.85 -24.23
C LEU A 173 7.27 -23.65 -24.09
N PHE A 174 6.12 -22.99 -24.21
CA PHE A 174 4.84 -23.65 -24.00
C PHE A 174 3.92 -23.31 -25.16
N PRO A 175 4.08 -24.03 -26.28
CA PRO A 175 3.32 -23.76 -27.49
C PRO A 175 1.81 -23.86 -27.35
N LYS A 176 1.36 -24.65 -26.38
CA LYS A 176 -0.07 -24.91 -26.17
C LYS A 176 -0.67 -24.12 -25.00
N LEU A 177 0.12 -23.31 -24.33
CA LEU A 177 -0.39 -22.60 -23.17
C LEU A 177 -1.13 -21.31 -23.51
N ASN A 178 -2.32 -21.11 -22.93
CA ASN A 178 -3.03 -19.85 -23.11
C ASN A 178 -2.18 -18.77 -22.49
N ILE A 179 -1.93 -17.71 -23.25
CA ILE A 179 -1.18 -16.54 -22.79
C ILE A 179 -2.07 -15.33 -22.99
N GLN A 180 -2.38 -14.67 -21.88
CA GLN A 180 -3.23 -13.51 -21.86
C GLN A 180 -2.40 -12.27 -21.63
N VAL A 181 -2.81 -11.18 -22.23
CA VAL A 181 -2.21 -9.90 -21.99
C VAL A 181 -3.32 -8.97 -21.52
N ASP A 182 -2.95 -8.05 -20.64
CA ASP A 182 -3.91 -7.15 -19.98
C ASP A 182 -3.25 -5.80 -19.74
N GLY A 183 -3.82 -4.75 -20.34
CA GLY A 183 -3.33 -3.38 -20.19
C GLY A 183 -3.02 -2.72 -21.52
N GLY A 184 -3.85 -1.73 -21.91
CA GLY A 184 -3.64 -0.99 -23.16
C GLY A 184 -3.90 -1.73 -24.47
N LEU A 185 -4.70 -2.79 -24.42
CA LEU A 185 -5.04 -3.53 -25.63
C LEU A 185 -6.17 -2.87 -26.41
N ASP A 186 -5.93 -2.68 -27.70
CA ASP A 186 -6.93 -2.11 -28.60
C ASP A 186 -6.65 -2.65 -30.01
N GLY A 187 -7.35 -2.11 -31.02
CA GLY A 187 -7.19 -2.58 -32.39
C GLY A 187 -5.79 -2.44 -32.97
N GLU A 188 -4.98 -1.59 -32.36
CA GLU A 188 -3.63 -1.37 -32.78
C GLU A 188 -2.67 -2.32 -32.03
N THR A 189 -2.68 -2.27 -30.69
CA THR A 189 -1.73 -3.07 -29.91
C THR A 189 -1.97 -4.57 -29.91
N VAL A 190 -3.14 -5.00 -30.36
CA VAL A 190 -3.41 -6.42 -30.43
C VAL A 190 -2.47 -7.07 -31.46
N LYS A 191 -2.02 -6.31 -32.44
CA LYS A 191 -1.11 -6.85 -33.49
C LYS A 191 0.24 -7.32 -32.95
N PRO A 192 1.01 -6.44 -32.33
CA PRO A 192 2.27 -6.94 -31.78
C PRO A 192 2.07 -7.95 -30.65
N ALA A 193 0.96 -7.85 -29.93
CA ALA A 193 0.68 -8.80 -28.86
C ALA A 193 0.43 -10.20 -29.44
N ALA A 194 -0.37 -10.27 -30.50
CA ALA A 194 -0.68 -11.55 -31.16
C ALA A 194 0.58 -12.10 -31.79
N SER A 195 1.31 -11.21 -32.44
CA SER A 195 2.55 -11.58 -33.07
C SER A 195 3.54 -12.18 -32.08
N ALA A 196 3.58 -11.67 -30.86
CA ALA A 196 4.48 -12.17 -29.84
C ALA A 196 4.04 -13.54 -29.30
N GLY A 197 2.77 -13.88 -29.54
CA GLY A 197 2.22 -15.19 -29.12
C GLY A 197 1.01 -15.15 -28.18
N ALA A 198 0.53 -13.97 -27.80
CA ALA A 198 -0.63 -13.89 -26.91
C ALA A 198 -1.91 -14.30 -27.65
N ASN A 199 -2.74 -15.18 -27.08
CA ASN A 199 -3.98 -15.57 -27.75
C ASN A 199 -5.23 -15.16 -27.00
N VAL A 200 -5.04 -14.63 -25.79
CA VAL A 200 -6.15 -14.21 -24.95
C VAL A 200 -5.95 -12.71 -24.68
N ILE A 201 -6.96 -11.92 -25.01
CA ILE A 201 -6.83 -10.47 -24.92
C ILE A 201 -7.83 -9.88 -23.95
N VAL A 202 -7.33 -9.13 -22.97
CA VAL A 202 -8.21 -8.40 -22.07
C VAL A 202 -8.25 -6.99 -22.61
N ALA A 203 -9.45 -6.50 -22.87
CA ALA A 203 -9.59 -5.16 -23.37
C ALA A 203 -10.60 -4.42 -22.52
N GLY A 204 -10.20 -3.28 -22.00
CA GLY A 204 -11.08 -2.47 -21.16
C GLY A 204 -11.64 -1.24 -21.86
N THR A 205 -10.94 -0.13 -21.66
CA THR A 205 -11.36 1.15 -22.19
C THR A 205 -11.63 1.08 -23.69
N SER A 206 -10.78 0.39 -24.45
CA SER A 206 -10.99 0.32 -25.91
C SER A 206 -12.29 -0.35 -26.26
N MET A 207 -12.71 -1.31 -25.44
CA MET A 207 -13.90 -2.09 -25.76
C MET A 207 -15.18 -1.36 -25.38
N PHE A 208 -15.16 -0.62 -24.27
CA PHE A 208 -16.39 0.08 -23.87
C PHE A 208 -16.55 1.40 -24.61
N LYS A 209 -15.48 1.90 -25.19
CA LYS A 209 -15.53 3.11 -26.01
C LYS A 209 -15.82 2.77 -27.47
N ALA A 210 -15.66 1.52 -27.87
CA ALA A 210 -15.83 1.16 -29.29
C ALA A 210 -17.21 1.46 -29.86
N GLU A 211 -17.23 1.87 -31.13
CA GLU A 211 -18.46 2.15 -31.84
C GLU A 211 -19.22 0.83 -32.02
N ASN A 212 -18.55 -0.19 -32.55
CA ASN A 212 -19.15 -1.54 -32.64
C ASN A 212 -18.22 -2.53 -31.98
N PRO A 213 -18.45 -2.80 -30.70
CA PRO A 213 -17.59 -3.72 -29.97
C PRO A 213 -17.46 -5.08 -30.64
N ALA A 214 -18.53 -5.54 -31.29
CA ALA A 214 -18.52 -6.84 -31.95
C ALA A 214 -17.46 -6.92 -33.07
N ALA A 215 -17.44 -5.90 -33.90
CA ALA A 215 -16.49 -5.83 -35.01
C ALA A 215 -15.06 -5.80 -34.50
N LEU A 216 -14.85 -5.09 -33.41
CA LEU A 216 -13.54 -4.96 -32.84
C LEU A 216 -13.06 -6.30 -32.26
N MET A 217 -13.95 -7.04 -31.63
CA MET A 217 -13.58 -8.33 -31.08
C MET A 217 -13.33 -9.30 -32.21
N THR A 218 -14.13 -9.21 -33.26
CA THR A 218 -13.92 -10.07 -34.43
C THR A 218 -12.56 -9.79 -35.03
N PHE A 219 -12.24 -8.50 -35.23
CA PHE A 219 -10.94 -8.12 -35.73
C PHE A 219 -9.80 -8.69 -34.89
N MET A 220 -9.89 -8.54 -33.57
CA MET A 220 -8.87 -9.07 -32.68
C MET A 220 -8.67 -10.59 -32.87
N ARG A 221 -9.76 -11.35 -32.92
N ARG A 221 -9.77 -11.33 -32.92
CA ARG A 221 -9.66 -12.79 -33.15
CA ARG A 221 -9.71 -12.79 -33.12
C ARG A 221 -8.97 -13.07 -34.47
C ARG A 221 -9.12 -13.16 -34.49
N ASP A 222 -9.36 -12.32 -35.49
CA ASP A 222 -8.79 -12.50 -36.84
C ASP A 222 -7.28 -12.31 -36.81
N VAL A 223 -6.85 -11.29 -36.07
CA VAL A 223 -5.44 -10.99 -35.94
C VAL A 223 -4.72 -12.15 -35.26
N ILE A 224 -5.30 -12.66 -34.18
CA ILE A 224 -4.74 -13.79 -33.45
C ILE A 224 -4.73 -15.03 -34.33
N ALA A 225 -5.84 -15.31 -35.00
CA ALA A 225 -5.88 -16.49 -35.85
C ALA A 225 -4.81 -16.40 -36.93
N ALA A 226 -4.59 -15.22 -37.49
CA ALA A 226 -3.56 -15.05 -38.54
C ALA A 226 -2.12 -15.22 -38.04
N SER A 227 -1.86 -14.89 -36.77
N SER A 227 -1.87 -14.89 -36.77
CA SER A 227 -0.51 -15.03 -36.21
CA SER A 227 -0.54 -15.04 -36.19
C SER A 227 -0.19 -16.51 -35.98
C SER A 227 -0.20 -16.50 -35.97
N ASP A 228 -1.22 -17.28 -35.60
CA ASP A 228 -1.10 -18.74 -35.33
C ASP A 228 -1.44 -19.58 -36.56
N GLN B 4 5.54 35.86 -10.43
CA GLN B 4 6.88 35.80 -11.07
C GLN B 4 7.86 34.83 -10.37
N LEU B 5 8.73 34.22 -11.19
CA LEU B 5 9.71 33.21 -10.77
C LEU B 5 10.68 33.69 -9.70
N LYS B 6 10.80 32.93 -8.63
CA LYS B 6 11.75 33.22 -7.57
C LYS B 6 12.86 32.19 -7.64
N PRO B 7 14.08 32.59 -7.27
CA PRO B 7 15.19 31.66 -7.20
C PRO B 7 14.98 30.84 -5.93
N ILE B 8 14.98 29.53 -6.05
CA ILE B 8 14.71 28.66 -4.88
C ILE B 8 15.80 27.61 -4.77
N ILE B 9 16.56 27.63 -3.68
CA ILE B 9 17.67 26.70 -3.48
C ILE B 9 17.30 25.69 -2.39
N CYS B 10 17.51 24.42 -2.69
CA CYS B 10 17.08 23.34 -1.84
C CYS B 10 18.18 22.34 -1.61
N PRO B 11 18.87 22.45 -0.48
CA PRO B 11 19.87 21.43 -0.17
C PRO B 11 19.24 20.06 -0.08
N SER B 12 19.90 19.07 -0.69
CA SER B 12 19.41 17.69 -0.69
C SER B 12 19.99 16.95 0.50
N VAL B 13 19.15 16.57 1.44
CA VAL B 13 19.63 15.97 2.68
C VAL B 13 20.26 14.59 2.52
N LEU B 14 19.97 13.94 1.39
CA LEU B 14 20.58 12.65 1.10
C LEU B 14 22.12 12.77 1.06
N ALA B 15 22.63 13.97 0.81
CA ALA B 15 24.09 14.24 0.76
C ALA B 15 24.64 14.65 2.09
N SER B 16 23.78 14.77 3.08
CA SER B 16 24.25 15.20 4.42
C SER B 16 24.73 14.00 5.20
N ASP B 17 25.10 14.22 6.47
CA ASP B 17 25.42 13.10 7.35
C ASP B 17 24.05 12.55 7.75
N LEU B 18 23.67 11.43 7.13
CA LEU B 18 22.38 10.83 7.37
C LEU B 18 22.14 10.40 8.83
N SER B 19 23.21 10.27 9.61
CA SER B 19 23.06 9.85 10.97
C SER B 19 22.91 11.07 11.88
N SER B 20 23.03 12.28 11.32
CA SER B 20 22.85 13.49 12.08
C SER B 20 22.01 14.44 11.24
N LEU B 21 20.88 13.95 10.78
CA LEU B 21 20.02 14.72 9.89
C LEU B 21 19.52 16.04 10.40
N ALA B 22 19.02 16.06 11.64
CA ALA B 22 18.46 17.29 12.20
C ALA B 22 19.51 18.36 12.28
N SER B 23 20.71 17.99 12.73
CA SER B 23 21.82 18.92 12.85
C SER B 23 22.28 19.47 11.48
N ASP B 24 22.43 18.59 10.50
CA ASP B 24 22.80 19.03 9.16
C ASP B 24 21.72 19.86 8.50
N ALA B 25 20.46 19.49 8.72
CA ALA B 25 19.39 20.26 8.13
C ALA B 25 19.32 21.63 8.80
N LYS B 26 19.50 21.69 10.11
CA LYS B 26 19.47 22.97 10.80
C LYS B 26 20.57 23.89 10.28
N ARG B 27 21.72 23.32 9.99
CA ARG B 27 22.83 24.11 9.44
C ARG B 27 22.43 24.73 8.10
N MET B 28 21.70 23.98 7.27
CA MET B 28 21.23 24.52 5.99
C MET B 28 20.13 25.59 6.16
N VAL B 29 19.22 25.36 7.10
CA VAL B 29 18.20 26.35 7.41
C VAL B 29 18.86 27.65 7.88
N ASP B 30 19.85 27.53 8.77
CA ASP B 30 20.56 28.68 9.30
C ASP B 30 21.41 29.37 8.21
N ALA B 31 21.83 28.62 7.21
CA ALA B 31 22.60 29.20 6.11
C ALA B 31 21.67 29.88 5.07
N GLY B 32 20.38 29.88 5.34
CA GLY B 32 19.40 30.55 4.48
C GLY B 32 18.83 29.75 3.33
N CYS B 33 18.73 28.44 3.46
CA CYS B 33 18.13 27.68 2.36
C CYS B 33 16.65 28.07 2.22
N ASP B 34 16.08 27.88 1.04
CA ASP B 34 14.68 28.12 0.82
C ASP B 34 13.90 26.87 1.17
N TRP B 35 14.28 25.74 0.58
CA TRP B 35 13.65 24.42 0.83
C TRP B 35 14.66 23.39 1.26
N LEU B 36 14.16 22.29 1.82
CA LEU B 36 14.94 21.11 2.16
C LEU B 36 14.39 20.03 1.24
N HIS B 37 15.23 19.50 0.38
CA HIS B 37 14.83 18.49 -0.59
C HIS B 37 15.05 17.12 0.00
N LEU B 38 13.98 16.32 0.07
CA LEU B 38 14.04 15.02 0.71
C LEU B 38 13.74 13.89 -0.30
N ASP B 39 14.79 13.20 -0.72
CA ASP B 39 14.67 12.11 -1.70
C ASP B 39 14.27 10.80 -1.01
N ILE B 40 13.11 10.27 -1.39
CA ILE B 40 12.57 9.02 -0.89
C ILE B 40 12.75 7.95 -1.97
N MET B 41 13.56 6.94 -1.65
CA MET B 41 13.92 5.90 -2.60
C MET B 41 13.58 4.55 -1.96
N ASP B 42 12.86 3.72 -2.72
CA ASP B 42 12.37 2.45 -2.19
C ASP B 42 13.13 1.20 -2.65
N GLY B 43 14.22 1.40 -3.37
CA GLY B 43 15.05 0.28 -3.79
C GLY B 43 14.48 -0.55 -4.92
N HIS B 44 13.34 -0.12 -5.47
CA HIS B 44 12.68 -0.74 -6.62
C HIS B 44 12.64 0.23 -7.80
N PHE B 45 12.02 1.37 -7.61
CA PHE B 45 12.01 2.38 -8.68
C PHE B 45 13.42 2.84 -9.03
N VAL B 46 14.29 2.97 -8.04
CA VAL B 46 15.70 3.30 -8.22
C VAL B 46 16.45 2.27 -7.35
N PRO B 47 17.72 2.01 -7.68
CA PRO B 47 18.47 0.96 -7.00
C PRO B 47 19.11 1.39 -5.68
N ASN B 48 18.38 2.18 -4.89
CA ASN B 48 18.87 2.57 -3.57
C ASN B 48 17.69 2.82 -2.65
N ILE B 49 17.94 2.73 -1.36
CA ILE B 49 16.96 3.03 -0.34
C ILE B 49 17.51 4.17 0.45
N SER B 50 16.71 5.22 0.65
CA SER B 50 17.20 6.42 1.36
C SER B 50 16.66 6.49 2.78
N PHE B 51 15.42 6.95 2.92
CA PHE B 51 14.75 7.05 4.19
C PHE B 51 13.27 7.21 3.91
N GLY B 52 12.46 7.10 4.95
CA GLY B 52 11.01 7.09 4.79
C GLY B 52 10.31 8.15 5.58
N PRO B 53 9.00 8.01 5.72
CA PRO B 53 8.18 8.97 6.44
C PRO B 53 8.62 9.22 7.88
N GLY B 54 9.08 8.18 8.58
CA GLY B 54 9.52 8.32 9.97
C GLY B 54 10.66 9.32 10.13
N VAL B 55 11.63 9.26 9.23
CA VAL B 55 12.72 10.22 9.26
C VAL B 55 12.23 11.62 8.97
N VAL B 56 11.33 11.75 8.01
CA VAL B 56 10.85 13.08 7.69
C VAL B 56 10.07 13.66 8.84
N LYS B 57 9.23 12.85 9.47
CA LYS B 57 8.42 13.33 10.58
C LYS B 57 9.29 13.73 11.76
N ALA B 58 10.39 13.01 11.97
CA ALA B 58 11.26 13.36 13.11
C ALA B 58 11.93 14.65 12.77
N LEU B 59 12.25 14.82 11.49
CA LEU B 59 12.89 16.04 11.07
C LEU B 59 11.95 17.21 11.29
N ARG B 60 10.69 17.05 10.89
CA ARG B 60 9.68 18.10 11.12
C ARG B 60 9.60 18.55 12.59
N GLY B 61 9.75 17.61 13.52
CA GLY B 61 9.71 17.94 14.94
C GLY B 61 10.78 18.93 15.35
N HIS B 62 11.95 18.89 14.73
CA HIS B 62 13.04 19.82 15.08
C HIS B 62 13.00 21.10 14.25
N LEU B 63 12.44 21.04 13.04
CA LEU B 63 12.39 22.21 12.14
C LEU B 63 10.97 22.53 11.73
N LYS B 64 10.28 23.20 12.63
CA LYS B 64 8.87 23.48 12.45
C LYS B 64 8.47 24.33 11.26
N SER B 65 9.31 25.26 10.84
CA SER B 65 8.87 26.14 9.78
C SER B 65 9.60 25.96 8.46
N ALA B 66 10.46 24.97 8.34
CA ALA B 66 11.15 24.77 7.08
C ALA B 66 10.19 24.21 6.02
N PHE B 67 10.51 24.47 4.77
CA PHE B 67 9.72 23.95 3.69
C PHE B 67 10.30 22.60 3.25
N PHE B 68 9.50 21.56 3.41
CA PHE B 68 9.88 20.20 3.06
C PHE B 68 9.41 19.83 1.66
N ASP B 69 10.38 19.63 0.78
CA ASP B 69 10.17 19.27 -0.62
C ASP B 69 10.49 17.76 -0.75
N VAL B 70 9.44 16.92 -0.78
CA VAL B 70 9.57 15.46 -0.85
C VAL B 70 9.54 14.96 -2.26
N HIS B 71 10.59 14.24 -2.64
CA HIS B 71 10.72 13.72 -3.97
C HIS B 71 10.61 12.18 -3.89
N LEU B 72 9.49 11.67 -4.38
CA LEU B 72 9.19 10.24 -4.34
C LEU B 72 9.76 9.46 -5.52
N MET B 73 10.85 8.74 -5.28
CA MET B 73 11.45 7.85 -6.25
C MET B 73 11.06 6.44 -5.80
N VAL B 74 9.77 6.16 -5.96
CA VAL B 74 9.16 4.95 -5.54
C VAL B 74 8.23 4.42 -6.63
N SER B 75 7.96 3.13 -6.57
CA SER B 75 7.11 2.43 -7.54
C SER B 75 5.64 2.80 -7.55
N GLU B 76 5.07 3.07 -6.38
CA GLU B 76 3.63 3.35 -6.30
C GLU B 76 3.40 4.52 -5.40
N PRO B 77 3.59 5.72 -5.94
CA PRO B 77 3.50 6.93 -5.15
C PRO B 77 2.16 7.13 -4.49
N GLU B 78 1.10 6.58 -5.08
CA GLU B 78 -0.25 6.66 -4.50
C GLU B 78 -0.25 6.19 -3.02
N LYS B 79 0.51 5.14 -2.74
CA LYS B 79 0.57 4.61 -1.39
C LYS B 79 1.30 5.50 -0.37
N TRP B 80 2.08 6.46 -0.85
CA TRP B 80 2.92 7.27 0.04
C TRP B 80 2.46 8.68 0.31
N ILE B 81 1.37 9.12 -0.32
CA ILE B 81 0.92 10.50 -0.10
C ILE B 81 0.51 10.73 1.35
N GLN B 82 -0.31 9.82 1.90
CA GLN B 82 -0.75 9.88 3.29
C GLN B 82 0.43 9.95 4.29
N PRO B 83 1.32 8.96 4.24
CA PRO B 83 2.45 9.03 5.17
C PRO B 83 3.28 10.32 5.07
N PHE B 84 3.53 10.80 3.87
CA PHE B 84 4.38 12.01 3.78
C PHE B 84 3.65 13.28 4.13
N ALA B 85 2.34 13.33 3.84
CA ALA B 85 1.54 14.48 4.22
C ALA B 85 1.56 14.53 5.73
N ASP B 86 1.27 13.40 6.36
CA ASP B 86 1.31 13.28 7.80
C ASP B 86 2.68 13.65 8.35
N ALA B 87 3.76 13.28 7.65
CA ALA B 87 5.12 13.59 8.11
C ALA B 87 5.45 15.09 7.97
N GLY B 88 4.64 15.83 7.21
CA GLY B 88 4.84 17.28 7.08
C GLY B 88 5.35 17.82 5.75
N ALA B 89 5.22 17.05 4.68
CA ALA B 89 5.65 17.56 3.38
C ALA B 89 4.88 18.81 3.02
N ASN B 90 5.56 19.79 2.45
CA ASN B 90 4.92 21.03 1.97
C ASN B 90 4.79 20.93 0.47
N SER B 91 5.56 20.04 -0.12
CA SER B 91 5.45 19.77 -1.54
C SER B 91 5.78 18.32 -1.75
N ILE B 92 5.10 17.68 -2.67
CA ILE B 92 5.38 16.31 -3.02
C ILE B 92 5.49 16.17 -4.53
N THR B 93 6.63 15.64 -4.96
CA THR B 93 6.91 15.38 -6.35
C THR B 93 6.93 13.85 -6.63
N PHE B 94 6.19 13.40 -7.66
CA PHE B 94 6.24 12.01 -8.07
C PHE B 94 6.65 11.92 -9.52
N HIS B 95 7.07 10.74 -9.91
CA HIS B 95 7.56 10.49 -11.25
C HIS B 95 6.50 10.07 -12.25
N TRP B 96 6.61 10.64 -13.44
CA TRP B 96 5.76 10.30 -14.57
C TRP B 96 5.90 8.79 -14.86
N GLU B 97 7.12 8.28 -14.77
CA GLU B 97 7.36 6.87 -15.04
C GLU B 97 6.71 5.98 -13.99
N SER B 98 6.52 6.51 -12.79
CA SER B 98 5.87 5.74 -11.69
C SER B 98 4.37 5.58 -11.86
N VAL B 99 3.78 6.44 -12.69
CA VAL B 99 2.33 6.39 -12.94
C VAL B 99 2.04 5.93 -14.37
N GLY B 100 2.96 5.12 -14.88
CA GLY B 100 2.84 4.51 -16.20
C GLY B 100 2.78 5.53 -17.31
N GLY B 101 3.38 6.69 -17.11
CA GLY B 101 3.32 7.76 -18.09
C GLY B 101 1.90 8.03 -18.54
N ASP B 102 0.94 8.01 -17.62
CA ASP B 102 -0.48 8.21 -17.94
C ASP B 102 -0.98 9.55 -17.43
N LEU B 103 -1.43 10.42 -18.33
CA LEU B 103 -1.97 11.76 -17.97
C LEU B 103 -3.04 11.70 -16.89
N GLN B 104 -3.99 10.79 -17.05
N GLN B 104 -3.99 10.79 -17.05
CA GLN B 104 -5.10 10.68 -16.12
CA GLN B 104 -5.09 10.64 -16.11
C GLN B 104 -4.63 10.25 -14.71
C GLN B 104 -4.58 10.30 -14.72
N ARG B 105 -3.72 9.28 -14.62
CA ARG B 105 -3.19 8.85 -13.30
C ARG B 105 -2.45 10.02 -12.68
N ALA B 106 -1.63 10.68 -13.47
CA ALA B 106 -0.84 11.80 -12.98
C ALA B 106 -1.74 12.93 -12.45
N ALA B 107 -2.76 13.30 -13.22
CA ALA B 107 -3.66 14.37 -12.82
C ALA B 107 -4.37 14.01 -11.50
N GLU B 108 -4.86 12.77 -11.42
CA GLU B 108 -5.60 12.32 -10.24
C GLU B 108 -4.74 12.44 -8.99
N LEU B 109 -3.51 11.98 -9.09
CA LEU B 109 -2.61 12.00 -7.93
C LEU B 109 -2.26 13.42 -7.52
N ALA B 110 -2.05 14.30 -8.51
CA ALA B 110 -1.71 15.68 -8.21
C ALA B 110 -2.87 16.32 -7.45
N LYS B 111 -4.10 15.98 -7.83
CA LYS B 111 -5.28 16.54 -7.17
C LYS B 111 -5.34 16.09 -5.71
N ARG B 112 -5.05 14.81 -5.47
CA ARG B 112 -5.02 14.30 -4.12
C ARG B 112 -3.99 15.02 -3.27
N ILE B 113 -2.80 15.25 -3.83
CA ILE B 113 -1.77 15.97 -3.11
C ILE B 113 -2.26 17.40 -2.79
N GLN B 114 -2.80 18.08 -3.80
CA GLN B 114 -3.27 19.44 -3.61
C GLN B 114 -4.43 19.52 -2.63
N ALA B 115 -5.28 18.50 -2.61
CA ALA B 115 -6.41 18.49 -1.68
C ALA B 115 -5.94 18.52 -0.23
N ARG B 116 -4.68 18.15 0.02
CA ARG B 116 -4.14 18.22 1.38
C ARG B 116 -3.38 19.53 1.67
N GLY B 117 -3.53 20.54 0.80
CA GLY B 117 -2.81 21.82 0.97
C GLY B 117 -1.32 21.69 0.69
N ILE B 118 -0.97 20.75 -0.18
CA ILE B 118 0.43 20.49 -0.50
C ILE B 118 0.68 20.75 -1.97
N LYS B 119 1.87 21.26 -2.31
CA LYS B 119 2.20 21.50 -3.71
C LYS B 119 2.51 20.16 -4.38
N ALA B 120 2.19 20.07 -5.64
CA ALA B 120 2.42 18.85 -6.41
C ALA B 120 3.44 19.06 -7.51
N GLY B 121 4.43 18.18 -7.55
CA GLY B 121 5.44 18.23 -8.57
C GLY B 121 5.44 16.97 -9.42
N LEU B 122 5.92 17.10 -10.66
CA LEU B 122 6.03 15.98 -11.56
C LEU B 122 7.48 15.91 -11.98
N ALA B 123 8.06 14.71 -11.92
CA ALA B 123 9.44 14.47 -12.26
C ALA B 123 9.63 13.55 -13.46
N ILE B 124 10.73 13.75 -14.17
N ILE B 124 10.77 13.74 -14.13
CA ILE B 124 11.08 12.86 -15.27
CA ILE B 124 11.11 13.01 -15.34
C ILE B 124 12.56 12.51 -15.23
C ILE B 124 12.59 12.56 -15.37
N LYS B 125 12.80 11.25 -15.58
CA LYS B 125 14.13 10.68 -15.62
C LYS B 125 14.78 10.97 -16.94
N PRO B 126 16.10 10.87 -16.98
CA PRO B 126 16.82 11.21 -18.20
C PRO B 126 16.31 10.56 -19.50
N ALA B 127 15.97 9.28 -19.46
CA ALA B 127 15.55 8.62 -20.69
C ALA B 127 14.13 8.97 -21.13
N THR B 128 13.32 9.58 -20.26
CA THR B 128 11.95 9.95 -20.63
C THR B 128 11.94 11.26 -21.46
N LYS B 129 11.31 11.23 -22.61
CA LYS B 129 11.23 12.44 -23.43
C LYS B 129 10.23 13.43 -22.83
N PHE B 130 10.61 14.70 -22.81
CA PHE B 130 9.71 15.71 -22.25
C PHE B 130 8.38 15.76 -22.99
N GLU B 131 8.45 15.61 -24.30
CA GLU B 131 7.26 15.64 -25.16
C GLU B 131 6.07 14.85 -24.59
N ASP B 132 6.34 13.72 -23.95
CA ASP B 132 5.26 12.89 -23.39
C ASP B 132 4.33 13.57 -22.35
N LEU B 133 4.82 14.54 -21.59
CA LEU B 133 3.99 15.13 -20.51
C LEU B 133 3.68 16.63 -20.53
N GLY B 134 3.87 17.29 -21.67
CA GLY B 134 3.59 18.72 -21.78
C GLY B 134 2.13 19.01 -21.42
N GLU B 135 1.23 18.20 -21.92
CA GLU B 135 -0.16 18.40 -21.61
C GLU B 135 -0.48 18.34 -20.11
N ALA B 136 0.16 17.44 -19.38
CA ALA B 136 -0.07 17.35 -17.94
C ALA B 136 0.25 18.65 -17.20
N LEU B 137 1.23 19.40 -17.69
CA LEU B 137 1.65 20.61 -16.98
C LEU B 137 0.83 21.86 -17.30
N ALA B 138 -0.03 21.76 -18.31
CA ALA B 138 -0.80 22.91 -18.77
C ALA B 138 -1.83 23.43 -17.77
N GLY B 139 -2.56 22.54 -17.11
CA GLY B 139 -3.57 22.98 -16.15
C GLY B 139 -2.90 23.53 -14.90
N ASP B 140 -3.63 23.58 -13.80
CA ASP B 140 -2.99 24.01 -12.56
C ASP B 140 -2.85 22.84 -11.60
N ASN B 141 -2.89 21.61 -12.11
CA ASN B 141 -2.70 20.42 -11.25
C ASN B 141 -1.30 20.38 -10.65
N PHE B 142 -0.31 20.81 -11.43
CA PHE B 142 1.10 20.75 -11.02
C PHE B 142 1.71 22.10 -10.73
N ASP B 143 2.40 22.19 -9.60
CA ASP B 143 3.05 23.43 -9.19
C ASP B 143 4.52 23.45 -9.57
N MET B 144 5.05 22.31 -10.04
CA MET B 144 6.45 22.24 -10.37
C MET B 144 6.78 21.08 -11.28
N LEU B 145 7.78 21.27 -12.13
CA LEU B 145 8.33 20.20 -12.94
C LEU B 145 9.77 19.95 -12.43
N LEU B 146 10.10 18.68 -12.19
CA LEU B 146 11.46 18.33 -11.82
C LEU B 146 12.10 17.54 -12.97
N VAL B 147 13.20 18.08 -13.48
CA VAL B 147 13.95 17.44 -14.52
C VAL B 147 15.23 16.87 -13.89
N MET B 148 15.35 15.55 -13.87
CA MET B 148 16.54 14.90 -13.36
C MET B 148 17.70 15.15 -14.31
N THR B 149 18.84 15.55 -13.76
CA THR B 149 20.02 15.83 -14.55
C THR B 149 21.13 14.81 -14.33
N VAL B 150 20.76 13.75 -13.61
CA VAL B 150 21.57 12.54 -13.46
C VAL B 150 20.61 11.38 -13.42
N GLU B 151 21.11 10.17 -13.61
CA GLU B 151 20.27 8.98 -13.52
C GLU B 151 20.02 8.77 -12.01
N PRO B 152 18.76 8.90 -11.55
CA PRO B 152 18.46 8.86 -10.11
C PRO B 152 18.88 7.62 -9.35
N GLY B 153 19.22 7.82 -8.08
CA GLY B 153 19.64 6.74 -7.18
C GLY B 153 20.78 7.15 -6.24
N PHE B 154 21.76 7.86 -6.78
CA PHE B 154 22.94 8.26 -6.01
C PHE B 154 23.36 9.70 -6.21
N GLY B 155 24.09 10.21 -5.22
CA GLY B 155 24.69 11.54 -5.29
C GLY B 155 26.08 11.35 -5.89
N GLY B 156 26.78 12.45 -6.11
CA GLY B 156 28.12 12.42 -6.66
C GLY B 156 28.21 12.12 -8.16
N GLN B 157 27.06 12.02 -8.86
CA GLN B 157 27.09 11.74 -10.31
C GLN B 157 27.32 12.96 -11.19
N LYS B 158 27.79 12.71 -12.41
CA LYS B 158 28.07 13.78 -13.34
C LYS B 158 26.78 14.33 -13.97
N PHE B 159 26.68 15.65 -13.90
CA PHE B 159 25.61 16.41 -14.49
C PHE B 159 25.47 16.11 -15.98
N MET B 160 24.24 15.83 -16.40
CA MET B 160 23.92 15.54 -17.79
C MET B 160 23.32 16.78 -18.45
N ALA B 161 24.18 17.58 -19.06
CA ALA B 161 23.76 18.83 -19.68
C ALA B 161 22.71 18.69 -20.75
N ASP B 162 22.76 17.60 -21.50
N ASP B 162 22.75 17.61 -21.52
CA ASP B 162 21.77 17.37 -22.56
CA ASP B 162 21.75 17.41 -22.58
C ASP B 162 20.33 17.38 -22.03
C ASP B 162 20.32 17.37 -22.04
N MET B 163 20.15 17.10 -20.74
CA MET B 163 18.80 17.11 -20.12
C MET B 163 18.26 18.55 -19.98
N LEU B 164 19.13 19.55 -20.06
CA LEU B 164 18.68 20.94 -20.00
C LEU B 164 17.78 21.30 -21.19
N GLN B 165 17.82 20.50 -22.26
CA GLN B 165 16.89 20.73 -23.41
C GLN B 165 15.44 20.63 -22.93
N LYS B 166 15.17 19.71 -22.00
CA LYS B 166 13.82 19.55 -21.43
C LYS B 166 13.43 20.79 -20.62
N VAL B 167 14.39 21.32 -19.88
CA VAL B 167 14.16 22.52 -19.09
C VAL B 167 13.81 23.69 -20.02
N ARG B 168 14.56 23.84 -21.11
CA ARG B 168 14.30 24.91 -22.10
C ARG B 168 12.89 24.82 -22.69
N THR B 169 12.50 23.61 -23.07
CA THR B 169 11.16 23.40 -23.66
C THR B 169 10.08 23.75 -22.65
N ALA B 170 10.26 23.27 -21.44
CA ALA B 170 9.28 23.52 -20.42
C ALA B 170 9.20 24.99 -20.11
N ARG B 171 10.34 25.65 -20.04
CA ARG B 171 10.31 27.07 -19.70
C ARG B 171 9.62 27.88 -20.80
N SER B 172 9.81 27.48 -22.07
N SER B 172 9.81 27.50 -22.07
CA SER B 172 9.19 28.18 -23.20
CA SER B 172 9.18 28.23 -23.17
C SER B 172 7.69 28.03 -23.14
C SER B 172 7.67 28.05 -23.14
N LEU B 173 7.22 26.84 -22.81
CA LEU B 173 5.79 26.57 -22.72
C LEU B 173 5.14 27.16 -21.48
N PHE B 174 5.86 27.16 -20.36
CA PHE B 174 5.28 27.58 -19.10
C PHE B 174 6.17 28.58 -18.41
N PRO B 175 6.09 29.85 -18.85
CA PRO B 175 6.96 30.87 -18.32
C PRO B 175 6.84 31.10 -16.84
N LYS B 176 5.73 30.71 -16.22
CA LYS B 176 5.57 30.98 -14.79
C LYS B 176 5.68 29.74 -13.90
N LEU B 177 5.97 28.59 -14.50
CA LEU B 177 6.07 27.34 -13.75
C LEU B 177 7.42 27.14 -13.07
N ASN B 178 7.42 26.74 -11.78
CA ASN B 178 8.67 26.39 -11.12
C ASN B 178 9.25 25.18 -11.80
N ILE B 179 10.51 25.29 -12.22
CA ILE B 179 11.21 24.18 -12.84
C ILE B 179 12.44 23.88 -11.99
N GLN B 180 12.50 22.64 -11.52
CA GLN B 180 13.57 22.23 -10.63
C GLN B 180 14.50 21.27 -11.34
N VAL B 181 15.79 21.36 -11.03
CA VAL B 181 16.75 20.39 -11.58
C VAL B 181 17.42 19.69 -10.41
N ASP B 182 17.76 18.43 -10.61
CA ASP B 182 18.28 17.64 -9.51
C ASP B 182 19.27 16.65 -10.06
N GLY B 183 20.52 16.77 -9.63
CA GLY B 183 21.59 15.83 -10.02
C GLY B 183 22.84 16.54 -10.53
N GLY B 184 23.88 16.57 -9.72
CA GLY B 184 25.13 17.19 -10.13
C GLY B 184 25.14 18.72 -10.15
N LEU B 185 24.21 19.36 -9.42
CA LEU B 185 24.24 20.82 -9.40
C LEU B 185 25.30 21.35 -8.44
N ASP B 186 26.15 22.23 -8.97
CA ASP B 186 27.20 22.86 -8.20
C ASP B 186 27.42 24.27 -8.71
N GLY B 187 28.49 24.88 -8.22
CA GLY B 187 28.84 26.23 -8.60
C GLY B 187 29.01 26.42 -10.09
N GLU B 188 29.39 25.37 -10.81
CA GLU B 188 29.61 25.54 -12.23
C GLU B 188 28.37 25.17 -13.04
N THR B 189 27.76 24.03 -12.74
CA THR B 189 26.60 23.55 -13.50
C THR B 189 25.32 24.36 -13.28
N VAL B 190 25.28 25.17 -12.21
CA VAL B 190 24.09 25.98 -11.99
C VAL B 190 23.93 27.02 -13.09
N LYS B 191 25.02 27.41 -13.74
CA LYS B 191 24.95 28.43 -14.79
C LYS B 191 24.18 27.96 -16.02
N PRO B 192 24.59 26.84 -16.63
CA PRO B 192 23.75 26.46 -17.78
C PRO B 192 22.34 26.04 -17.34
N ALA B 193 22.21 25.55 -16.12
CA ALA B 193 20.88 25.15 -15.68
C ALA B 193 19.97 26.37 -15.60
N ALA B 194 20.50 27.44 -15.03
CA ALA B 194 19.74 28.68 -14.91
C ALA B 194 19.47 29.29 -16.28
N SER B 195 20.44 29.24 -17.18
CA SER B 195 20.23 29.81 -18.51
C SER B 195 19.14 29.08 -19.26
N ALA B 196 19.06 27.77 -19.05
CA ALA B 196 18.04 26.96 -19.71
C ALA B 196 16.64 27.25 -19.17
N GLY B 197 16.58 27.83 -17.99
CA GLY B 197 15.32 28.21 -17.38
C GLY B 197 14.98 27.65 -16.02
N ALA B 198 15.86 26.87 -15.40
CA ALA B 198 15.54 26.33 -14.11
C ALA B 198 15.65 27.41 -13.04
N ASN B 199 14.65 27.54 -12.17
CA ASN B 199 14.71 28.52 -11.09
C ASN B 199 14.77 27.83 -9.72
N VAL B 200 14.60 26.51 -9.68
CA VAL B 200 14.65 25.78 -8.44
C VAL B 200 15.82 24.80 -8.57
N ILE B 201 16.76 24.91 -7.66
CA ILE B 201 17.95 24.11 -7.70
C ILE B 201 18.12 23.20 -6.51
N VAL B 202 18.20 21.90 -6.76
CA VAL B 202 18.52 20.92 -5.73
C VAL B 202 20.04 20.72 -5.75
N ALA B 203 20.70 20.91 -4.61
CA ALA B 203 22.16 20.72 -4.54
C ALA B 203 22.46 19.82 -3.38
N GLY B 204 23.19 18.74 -3.65
CA GLY B 204 23.53 17.78 -2.63
C GLY B 204 24.97 17.89 -2.22
N THR B 205 25.83 17.13 -2.89
CA THR B 205 27.25 17.07 -2.57
C THR B 205 27.91 18.46 -2.48
N SER B 206 27.67 19.31 -3.47
CA SER B 206 28.30 20.64 -3.50
C SER B 206 27.91 21.47 -2.27
N MET B 207 26.69 21.28 -1.81
CA MET B 207 26.20 22.09 -0.71
C MET B 207 26.76 21.64 0.64
N PHE B 208 26.82 20.34 0.87
CA PHE B 208 27.34 19.87 2.13
C PHE B 208 28.87 19.86 2.16
N LYS B 209 29.49 20.00 1.01
CA LYS B 209 30.93 20.10 0.93
C LYS B 209 31.39 21.57 1.04
N ALA B 210 30.52 22.52 0.73
CA ALA B 210 30.92 23.91 0.70
C ALA B 210 31.40 24.40 2.05
N GLU B 211 32.47 25.17 2.07
N GLU B 211 32.44 25.20 2.01
CA GLU B 211 32.94 25.76 3.33
CA GLU B 211 33.03 25.80 3.16
C GLU B 211 31.92 26.79 3.82
C GLU B 211 32.05 26.84 3.76
N ASN B 212 31.26 27.48 2.91
CA ASN B 212 30.26 28.47 3.32
C ASN B 212 29.02 28.27 2.46
N PRO B 213 28.13 27.32 2.88
CA PRO B 213 26.91 27.05 2.13
C PRO B 213 26.00 28.26 1.99
N ALA B 214 26.01 29.20 2.95
CA ALA B 214 25.15 30.38 2.79
C ALA B 214 25.56 31.15 1.55
N ALA B 215 26.86 31.31 1.39
CA ALA B 215 27.38 32.04 0.26
C ALA B 215 27.11 31.29 -1.04
N LEU B 216 27.24 29.96 -1.01
CA LEU B 216 26.99 29.20 -2.25
C LEU B 216 25.54 29.37 -2.68
N MET B 217 24.62 29.38 -1.71
CA MET B 217 23.22 29.52 -1.99
C MET B 217 22.92 30.89 -2.56
N THR B 218 23.53 31.91 -1.99
CA THR B 218 23.35 33.26 -2.48
C THR B 218 23.89 33.34 -3.90
N PHE B 219 25.05 32.73 -4.14
CA PHE B 219 25.62 32.71 -5.48
C PHE B 219 24.65 32.11 -6.50
N MET B 220 24.04 30.99 -6.14
CA MET B 220 23.09 30.31 -7.04
C MET B 220 21.88 31.18 -7.31
N ARG B 221 21.37 31.86 -6.28
CA ARG B 221 20.27 32.79 -6.48
C ARG B 221 20.62 33.93 -7.41
N ASP B 222 21.85 34.42 -7.28
CA ASP B 222 22.36 35.51 -8.13
C ASP B 222 22.43 35.04 -9.58
N VAL B 223 22.88 33.80 -9.80
CA VAL B 223 22.96 33.26 -11.16
C VAL B 223 21.55 33.16 -11.76
N ILE B 224 20.60 32.67 -10.98
CA ILE B 224 19.25 32.55 -11.46
C ILE B 224 18.67 33.90 -11.81
N ALA B 225 18.84 34.87 -10.91
CA ALA B 225 18.29 36.21 -11.13
C ALA B 225 18.93 36.86 -12.34
N ALA B 226 20.21 36.62 -12.57
CA ALA B 226 20.87 37.21 -13.75
C ALA B 226 20.47 36.54 -15.06
N SER B 227 20.02 35.28 -15.01
CA SER B 227 19.63 34.59 -16.24
C SER B 227 18.33 35.23 -16.72
N ASP B 228 17.52 35.64 -15.74
CA ASP B 228 16.27 36.33 -15.96
C ASP B 228 16.56 37.83 -16.00
N GLN C 4 -31.82 18.67 17.49
CA GLN C 4 -32.79 17.58 17.79
C GLN C 4 -32.49 16.29 17.00
N LEU C 5 -32.62 15.12 17.64
CA LEU C 5 -32.33 13.86 16.97
C LEU C 5 -33.44 13.47 16.02
N LYS C 6 -33.08 13.10 14.81
CA LYS C 6 -34.04 12.64 13.82
C LYS C 6 -33.90 11.15 13.57
N PRO C 7 -35.01 10.47 13.20
CA PRO C 7 -34.90 9.06 12.85
C PRO C 7 -34.33 9.01 11.44
N ILE C 8 -33.27 8.23 11.24
CA ILE C 8 -32.61 8.19 9.92
C ILE C 8 -32.48 6.73 9.53
N ILE C 9 -33.10 6.35 8.41
CA ILE C 9 -33.05 4.98 7.93
C ILE C 9 -32.17 4.93 6.69
N CYS C 10 -31.24 3.98 6.67
CA CYS C 10 -30.24 3.89 5.64
C CYS C 10 -30.14 2.47 5.08
N PRO C 11 -30.79 2.21 3.95
CA PRO C 11 -30.61 0.91 3.33
C PRO C 11 -29.16 0.66 2.98
N SER C 12 -28.70 -0.56 3.23
CA SER C 12 -27.35 -0.98 2.97
C SER C 12 -27.31 -1.65 1.61
N VAL C 13 -26.63 -1.02 0.67
CA VAL C 13 -26.60 -1.51 -0.71
C VAL C 13 -25.84 -2.82 -0.90
N LEU C 14 -25.04 -3.18 0.08
CA LEU C 14 -24.33 -4.43 0.05
C LEU C 14 -25.36 -5.58 -0.06
N ALA C 15 -26.58 -5.34 0.41
CA ALA C 15 -27.64 -6.34 0.33
C ALA C 15 -28.48 -6.27 -0.96
N SER C 16 -28.20 -5.30 -1.84
CA SER C 16 -28.93 -5.18 -3.10
C SER C 16 -28.39 -6.09 -4.18
N ASP C 17 -28.93 -5.96 -5.40
CA ASP C 17 -28.38 -6.66 -6.57
C ASP C 17 -27.18 -5.80 -6.92
N LEU C 18 -26.00 -6.24 -6.52
CA LEU C 18 -24.79 -5.46 -6.72
C LEU C 18 -24.47 -5.25 -8.22
N SER C 19 -25.03 -6.09 -9.09
CA SER C 19 -24.79 -5.92 -10.52
C SER C 19 -25.77 -4.91 -11.14
N SER C 20 -26.68 -4.36 -10.33
CA SER C 20 -27.64 -3.35 -10.78
C SER C 20 -27.82 -2.33 -9.66
N LEU C 21 -26.69 -1.81 -9.17
N LEU C 21 -26.69 -1.83 -9.15
CA LEU C 21 -26.68 -0.92 -8.02
CA LEU C 21 -26.67 -0.91 -8.02
C LEU C 21 -27.51 0.35 -8.20
C LEU C 21 -27.49 0.36 -8.19
N ALA C 22 -27.33 1.04 -9.33
CA ALA C 22 -28.05 2.28 -9.58
C ALA C 22 -29.54 2.05 -9.51
N SER C 23 -29.98 1.01 -10.20
CA SER C 23 -31.39 0.63 -10.21
C SER C 23 -31.96 0.32 -8.80
N ASP C 24 -31.24 -0.48 -8.02
CA ASP C 24 -31.68 -0.80 -6.66
C ASP C 24 -31.58 0.36 -5.71
N ALA C 25 -30.52 1.15 -5.82
CA ALA C 25 -30.39 2.30 -4.95
C ALA C 25 -31.53 3.28 -5.28
N LYS C 26 -31.88 3.39 -6.55
CA LYS C 26 -32.95 4.29 -6.95
C LYS C 26 -34.28 3.86 -6.34
N ARG C 27 -34.53 2.55 -6.30
CA ARG C 27 -35.72 2.03 -5.63
C ARG C 27 -35.82 2.51 -4.17
N MET C 28 -34.69 2.45 -3.46
CA MET C 28 -34.64 2.83 -2.07
C MET C 28 -34.85 4.32 -1.92
N VAL C 29 -34.28 5.11 -2.82
CA VAL C 29 -34.45 6.55 -2.81
C VAL C 29 -35.93 6.85 -3.05
N ASP C 30 -36.53 6.20 -4.05
CA ASP C 30 -37.95 6.42 -4.34
C ASP C 30 -38.82 5.94 -3.19
N ALA C 31 -38.36 4.95 -2.43
CA ALA C 31 -39.10 4.48 -1.25
C ALA C 31 -38.95 5.44 -0.04
N GLY C 32 -38.24 6.54 -0.22
CA GLY C 32 -38.08 7.54 0.83
C GLY C 32 -36.98 7.25 1.87
N CYS C 33 -35.88 6.64 1.44
CA CYS C 33 -34.81 6.43 2.40
C CYS C 33 -34.21 7.76 2.75
N ASP C 34 -33.61 7.85 3.93
CA ASP C 34 -32.88 9.07 4.36
C ASP C 34 -31.48 9.02 3.78
N TRP C 35 -30.73 7.94 4.05
CA TRP C 35 -29.38 7.80 3.53
C TRP C 35 -29.20 6.48 2.80
N LEU C 36 -28.15 6.39 1.99
CA LEU C 36 -27.73 5.13 1.38
C LEU C 36 -26.44 4.77 2.07
N HIS C 37 -26.43 3.61 2.72
CA HIS C 37 -25.27 3.11 3.46
C HIS C 37 -24.41 2.25 2.52
N LEU C 38 -23.16 2.64 2.39
CA LEU C 38 -22.23 2.02 1.45
C LEU C 38 -21.06 1.41 2.22
N ASP C 39 -21.08 0.09 2.36
CA ASP C 39 -20.01 -0.63 3.06
C ASP C 39 -18.83 -0.88 2.16
N ILE C 40 -17.67 -0.34 2.56
CA ILE C 40 -16.43 -0.50 1.84
C ILE C 40 -15.56 -1.48 2.62
N MET C 41 -15.30 -2.64 2.02
CA MET C 41 -14.54 -3.69 2.70
C MET C 41 -13.36 -4.06 1.82
N ASP C 42 -12.17 -4.09 2.42
CA ASP C 42 -10.93 -4.35 1.69
C ASP C 42 -10.37 -5.77 1.80
N GLY C 43 -11.12 -6.67 2.40
CA GLY C 43 -10.67 -8.06 2.49
C GLY C 43 -9.55 -8.31 3.50
N HIS C 44 -9.11 -7.24 4.18
CA HIS C 44 -8.09 -7.35 5.21
C HIS C 44 -8.68 -7.01 6.56
N PHE C 45 -9.31 -5.83 6.66
CA PHE C 45 -9.92 -5.43 7.92
C PHE C 45 -11.10 -6.35 8.27
N VAL C 46 -11.83 -6.79 7.25
CA VAL C 46 -12.88 -7.75 7.41
C VAL C 46 -12.66 -8.79 6.28
N PRO C 47 -13.15 -10.02 6.47
CA PRO C 47 -12.88 -11.05 5.48
C PRO C 47 -13.79 -11.00 4.24
N ASN C 48 -13.99 -9.82 3.66
CA ASN C 48 -14.79 -9.71 2.44
C ASN C 48 -14.38 -8.45 1.72
N ILE C 49 -14.63 -8.42 0.41
CA ILE C 49 -14.36 -7.28 -0.42
C ILE C 49 -15.71 -6.92 -0.99
N SER C 50 -16.10 -5.66 -0.87
CA SER C 50 -17.43 -5.24 -1.36
C SER C 50 -17.30 -4.45 -2.66
N PHE C 51 -16.88 -3.19 -2.54
CA PHE C 51 -16.68 -2.32 -3.72
C PHE C 51 -15.95 -1.06 -3.29
N GLY C 52 -15.46 -0.29 -4.26
CA GLY C 52 -14.63 0.85 -3.96
C GLY C 52 -15.13 2.17 -4.47
N PRO C 53 -14.26 3.16 -4.53
CA PRO C 53 -14.61 4.50 -4.93
C PRO C 53 -15.23 4.59 -6.31
N GLY C 54 -14.77 3.76 -7.24
CA GLY C 54 -15.30 3.77 -8.61
C GLY C 54 -16.78 3.50 -8.63
N VAL C 55 -17.19 2.49 -7.87
CA VAL C 55 -18.59 2.13 -7.77
C VAL C 55 -19.41 3.26 -7.15
N VAL C 56 -18.88 3.86 -6.10
CA VAL C 56 -19.61 4.93 -5.43
C VAL C 56 -19.76 6.14 -6.35
N LYS C 57 -18.68 6.48 -7.06
CA LYS C 57 -18.69 7.60 -7.96
C LYS C 57 -19.69 7.37 -9.08
N ALA C 58 -19.76 6.14 -9.58
CA ALA C 58 -20.71 5.82 -10.65
C ALA C 58 -22.13 5.99 -10.13
N LEU C 59 -22.37 5.56 -8.90
CA LEU C 59 -23.67 5.68 -8.29
C LEU C 59 -24.07 7.15 -8.13
N ARG C 60 -23.11 7.96 -7.70
CA ARG C 60 -23.35 9.38 -7.52
C ARG C 60 -23.86 10.03 -8.81
N GLY C 61 -23.23 9.70 -9.93
CA GLY C 61 -23.66 10.20 -11.23
C GLY C 61 -25.13 9.96 -11.51
N HIS C 62 -25.67 8.84 -11.02
CA HIS C 62 -27.07 8.53 -11.21
C HIS C 62 -27.95 9.14 -10.14
N LEU C 63 -27.46 9.26 -8.93
CA LEU C 63 -28.26 9.79 -7.82
C LEU C 63 -27.64 11.05 -7.29
N LYS C 64 -27.88 12.16 -7.98
CA LYS C 64 -27.34 13.47 -7.59
C LYS C 64 -27.61 13.97 -6.18
N SER C 65 -28.84 13.76 -5.69
CA SER C 65 -29.24 14.32 -4.39
C SER C 65 -29.22 13.36 -3.20
N ALA C 66 -28.99 12.08 -3.42
CA ALA C 66 -29.01 11.11 -2.32
C ALA C 66 -27.89 11.38 -1.33
N PHE C 67 -28.10 11.04 -0.06
CA PHE C 67 -27.08 11.23 0.97
C PHE C 67 -26.30 9.91 1.04
N PHE C 68 -25.01 9.98 0.75
CA PHE C 68 -24.13 8.80 0.74
C PHE C 68 -23.40 8.70 2.06
N ASP C 69 -23.67 7.62 2.80
CA ASP C 69 -23.05 7.32 4.10
C ASP C 69 -22.08 6.18 3.86
N VAL C 70 -20.79 6.53 3.80
CA VAL C 70 -19.73 5.58 3.49
C VAL C 70 -19.14 5.01 4.75
N HIS C 71 -19.15 3.68 4.86
CA HIS C 71 -18.60 2.99 6.04
C HIS C 71 -17.36 2.25 5.60
N LEU C 72 -16.22 2.71 6.11
CA LEU C 72 -14.91 2.16 5.78
C LEU C 72 -14.48 1.03 6.69
N MET C 73 -14.64 -0.18 6.20
CA MET C 73 -14.18 -1.36 6.89
C MET C 73 -12.91 -1.75 6.16
N VAL C 74 -11.92 -0.90 6.34
CA VAL C 74 -10.65 -1.07 5.68
C VAL C 74 -9.56 -0.90 6.70
N SER C 75 -8.37 -1.40 6.35
CA SER C 75 -7.17 -1.33 7.22
C SER C 75 -6.59 0.08 7.36
N GLU C 76 -6.60 0.86 6.28
CA GLU C 76 -5.96 2.19 6.32
C GLU C 76 -6.91 3.26 5.84
N PRO C 77 -7.88 3.62 6.68
CA PRO C 77 -8.89 4.59 6.29
C PRO C 77 -8.33 5.93 5.82
N GLU C 78 -7.18 6.32 6.36
CA GLU C 78 -6.52 7.57 5.94
C GLU C 78 -6.29 7.70 4.46
N LYS C 79 -6.10 6.56 3.82
CA LYS C 79 -5.84 6.55 2.40
C LYS C 79 -7.07 6.60 1.56
N TRP C 80 -8.23 6.47 2.17
CA TRP C 80 -9.48 6.40 1.41
C TRP C 80 -10.37 7.61 1.53
N ILE C 81 -9.96 8.57 2.35
CA ILE C 81 -10.78 9.73 2.57
C ILE C 81 -10.98 10.55 1.31
N GLN C 82 -9.91 10.90 0.62
N GLN C 82 -9.89 10.90 0.63
CA GLN C 82 -10.08 11.75 -0.56
CA GLN C 82 -9.97 11.73 -0.56
C GLN C 82 -10.78 10.98 -1.69
C GLN C 82 -10.68 11.02 -1.73
N PRO C 83 -10.37 9.73 -1.95
CA PRO C 83 -11.08 8.99 -2.97
C PRO C 83 -12.61 8.96 -2.74
N PHE C 84 -13.04 8.73 -1.51
CA PHE C 84 -14.49 8.72 -1.27
C PHE C 84 -15.14 10.11 -1.24
N ALA C 85 -14.40 11.15 -0.89
CA ALA C 85 -14.90 12.52 -0.96
C ALA C 85 -15.14 12.85 -2.43
N ASP C 86 -14.18 12.46 -3.28
CA ASP C 86 -14.29 12.66 -4.73
C ASP C 86 -15.46 11.88 -5.32
N ALA C 87 -15.68 10.67 -4.81
CA ALA C 87 -16.77 9.84 -5.27
C ALA C 87 -18.16 10.39 -4.85
N GLY C 88 -18.18 11.36 -3.94
CA GLY C 88 -19.42 12.03 -3.52
C GLY C 88 -19.99 11.69 -2.14
N ALA C 89 -19.14 11.21 -1.23
CA ALA C 89 -19.59 10.85 0.11
C ALA C 89 -20.05 12.08 0.89
N ASN C 90 -21.16 11.93 1.60
CA ASN C 90 -21.70 13.00 2.44
C ASN C 90 -21.30 12.77 3.90
N SER C 91 -20.94 11.53 4.21
CA SER C 91 -20.50 11.16 5.54
C SER C 91 -19.55 10.00 5.40
N ILE C 92 -18.52 9.98 6.22
CA ILE C 92 -17.55 8.89 6.21
C ILE C 92 -17.32 8.42 7.61
N THR C 93 -17.52 7.12 7.80
CA THR C 93 -17.35 6.44 9.07
C THR C 93 -16.14 5.54 8.98
N PHE C 94 -15.22 5.64 9.94
CA PHE C 94 -14.06 4.75 9.98
C PHE C 94 -14.04 4.10 11.34
N HIS C 95 -13.31 3.00 11.42
CA HIS C 95 -13.24 2.21 12.63
C HIS C 95 -12.14 2.60 13.59
N TRP C 96 -12.51 2.59 14.86
CA TRP C 96 -11.59 2.84 15.94
C TRP C 96 -10.44 1.82 15.84
N GLU C 97 -10.78 0.58 15.52
CA GLU C 97 -9.77 -0.45 15.41
C GLU C 97 -8.88 -0.25 14.19
N SER C 98 -9.32 0.53 13.19
CA SER C 98 -8.49 0.79 12.00
C SER C 98 -7.44 1.82 12.29
N VAL C 99 -7.64 2.65 13.31
CA VAL C 99 -6.65 3.68 13.65
C VAL C 99 -5.92 3.36 14.95
N GLY C 100 -5.66 2.08 15.17
CA GLY C 100 -4.91 1.61 16.33
C GLY C 100 -5.54 1.91 17.65
N GLY C 101 -6.85 2.15 17.67
CA GLY C 101 -7.55 2.49 18.89
C GLY C 101 -6.88 3.68 19.54
N ASP C 102 -6.35 4.58 18.70
CA ASP C 102 -5.63 5.74 19.16
C ASP C 102 -6.47 6.99 19.10
N LEU C 103 -6.56 7.66 20.23
CA LEU C 103 -7.35 8.83 20.38
C LEU C 103 -6.95 9.98 19.45
N GLN C 104 -5.65 10.31 19.42
N GLN C 104 -5.67 10.32 19.41
CA GLN C 104 -5.14 11.41 18.57
CA GLN C 104 -5.24 11.43 18.57
C GLN C 104 -5.29 11.14 17.07
C GLN C 104 -5.45 11.11 17.08
N ARG C 105 -5.13 9.87 16.67
CA ARG C 105 -5.28 9.49 15.27
C ARG C 105 -6.73 9.62 14.85
N ALA C 106 -7.62 9.13 15.70
CA ALA C 106 -9.01 9.17 15.40
C ALA C 106 -9.46 10.62 15.26
N ALA C 107 -9.04 11.48 16.20
CA ALA C 107 -9.38 12.90 16.19
C ALA C 107 -8.89 13.61 14.93
N GLU C 108 -7.63 13.36 14.56
CA GLU C 108 -7.08 13.99 13.37
C GLU C 108 -7.79 13.53 12.11
N LEU C 109 -8.13 12.25 12.06
CA LEU C 109 -8.77 11.76 10.85
C LEU C 109 -10.16 12.38 10.70
N ALA C 110 -10.90 12.46 11.81
CA ALA C 110 -12.21 13.09 11.82
C ALA C 110 -12.12 14.56 11.40
N LYS C 111 -11.14 15.30 11.92
CA LYS C 111 -10.99 16.72 11.54
C LYS C 111 -10.76 16.84 10.04
N ARG C 112 -9.97 15.92 9.51
CA ARG C 112 -9.71 15.93 8.09
C ARG C 112 -10.99 15.67 7.25
N ILE C 113 -11.82 14.75 7.69
CA ILE C 113 -13.06 14.49 7.01
C ILE C 113 -13.93 15.73 7.06
N GLN C 114 -14.03 16.33 8.25
CA GLN C 114 -14.84 17.52 8.42
C GLN C 114 -14.37 18.72 7.60
N ALA C 115 -13.07 18.85 7.39
CA ALA C 115 -12.54 19.97 6.60
C ALA C 115 -13.04 19.86 5.15
N ARG C 116 -13.35 18.65 4.73
CA ARG C 116 -13.87 18.39 3.38
C ARG C 116 -15.38 18.68 3.31
N GLY C 117 -15.97 19.11 4.42
CA GLY C 117 -17.40 19.38 4.44
C GLY C 117 -18.16 18.07 4.42
N ILE C 118 -17.64 17.11 5.16
CA ILE C 118 -18.21 15.77 5.20
C ILE C 118 -18.37 15.40 6.65
N LYS C 119 -19.48 14.72 6.97
CA LYS C 119 -19.75 14.29 8.35
C LYS C 119 -18.80 13.13 8.67
N ALA C 120 -18.34 13.08 9.91
CA ALA C 120 -17.40 12.05 10.35
C ALA C 120 -18.03 11.11 11.36
N GLY C 121 -17.87 9.81 11.12
CA GLY C 121 -18.39 8.80 12.03
C GLY C 121 -17.31 7.88 12.55
N LEU C 122 -17.51 7.36 13.76
CA LEU C 122 -16.58 6.45 14.38
C LEU C 122 -17.33 5.17 14.65
N ALA C 123 -16.74 4.05 14.25
CA ALA C 123 -17.36 2.75 14.39
C ALA C 123 -16.59 1.82 15.30
N ILE C 124 -17.33 0.91 15.95
N ILE C 124 -17.33 0.90 15.93
CA ILE C 124 -16.70 -0.12 16.79
CA ILE C 124 -16.78 -0.07 16.88
C ILE C 124 -17.26 -1.51 16.56
C ILE C 124 -17.29 -1.51 16.62
N LYS C 125 -16.34 -2.46 16.52
CA LYS C 125 -16.66 -3.84 16.35
C LYS C 125 -17.18 -4.41 17.65
N PRO C 126 -17.85 -5.58 17.58
CA PRO C 126 -18.41 -6.15 18.78
C PRO C 126 -17.43 -6.38 19.89
N ALA C 127 -16.24 -6.87 19.57
CA ALA C 127 -15.27 -7.18 20.64
C ALA C 127 -14.64 -5.96 21.31
N THR C 128 -14.78 -4.79 20.72
N THR C 128 -14.78 -4.79 20.69
CA THR C 128 -14.17 -3.59 21.30
CA THR C 128 -14.22 -3.57 21.25
C THR C 128 -15.10 -2.97 22.37
C THR C 128 -15.12 -2.95 22.30
N LYS C 129 -14.59 -2.80 23.58
N LYS C 129 -14.63 -2.86 23.54
CA LYS C 129 -15.39 -2.25 24.68
CA LYS C 129 -15.42 -2.25 24.59
C LYS C 129 -15.59 -0.75 24.50
C LYS C 129 -15.67 -0.79 24.26
N PHE C 130 -16.85 -0.30 24.63
CA PHE C 130 -17.19 1.10 24.40
C PHE C 130 -16.37 2.09 25.22
N GLU C 131 -15.95 1.70 26.44
CA GLU C 131 -15.14 2.60 27.30
C GLU C 131 -13.98 3.26 26.55
N ASP C 132 -13.37 2.51 25.64
CA ASP C 132 -12.21 3.00 24.93
C ASP C 132 -12.48 4.31 24.20
N LEU C 133 -13.70 4.46 23.69
CA LEU C 133 -14.11 5.61 22.87
C LEU C 133 -14.59 6.85 23.59
N GLY C 134 -14.68 6.77 24.93
CA GLY C 134 -15.14 7.85 25.76
C GLY C 134 -14.71 9.25 25.35
N GLU C 135 -13.45 9.58 25.61
CA GLU C 135 -12.98 10.90 25.24
C GLU C 135 -13.15 11.21 23.78
N ALA C 136 -12.99 10.21 22.90
CA ALA C 136 -13.03 10.48 21.47
C ALA C 136 -14.32 11.14 21.06
N LEU C 137 -15.41 10.61 21.55
CA LEU C 137 -16.70 11.14 21.19
C LEU C 137 -17.02 12.46 21.88
N ALA C 138 -16.36 12.76 22.99
CA ALA C 138 -16.63 14.00 23.69
C ALA C 138 -15.97 15.15 22.97
N GLY C 139 -14.91 14.86 22.20
CA GLY C 139 -14.13 15.87 21.49
C GLY C 139 -14.81 16.68 20.40
N ASP C 140 -16.09 16.38 20.12
CA ASP C 140 -16.86 17.11 19.12
C ASP C 140 -16.23 17.01 17.70
N ASN C 141 -15.40 16.01 17.48
CA ASN C 141 -14.81 15.76 16.18
C ASN C 141 -15.72 14.84 15.36
N PHE C 142 -16.60 14.13 16.07
CA PHE C 142 -17.46 13.17 15.42
C PHE C 142 -18.90 13.56 15.36
N ASP C 143 -19.51 13.26 14.23
CA ASP C 143 -20.89 13.54 14.01
C ASP C 143 -21.75 12.32 14.27
N MET C 144 -21.13 11.15 14.44
CA MET C 144 -21.90 9.94 14.64
C MET C 144 -21.07 8.81 15.22
N LEU C 145 -21.73 7.97 15.99
CA LEU C 145 -21.15 6.73 16.46
C LEU C 145 -21.88 5.55 15.77
N LEU C 146 -21.13 4.57 15.28
N LEU C 146 -21.13 4.59 15.25
CA LEU C 146 -21.70 3.39 14.66
CA LEU C 146 -21.71 3.37 14.66
C LEU C 146 -21.36 2.19 15.52
C LEU C 146 -21.36 2.19 15.52
N VAL C 147 -22.38 1.54 16.07
CA VAL C 147 -22.17 0.36 16.89
C VAL C 147 -22.56 -0.83 16.04
N MET C 148 -21.59 -1.69 15.76
CA MET C 148 -21.85 -2.90 14.98
C MET C 148 -22.61 -3.86 15.87
N THR C 149 -23.68 -4.43 15.33
CA THR C 149 -24.55 -5.37 16.03
C THR C 149 -24.43 -6.80 15.46
N VAL C 150 -23.44 -6.98 14.59
CA VAL C 150 -22.99 -8.28 14.08
C VAL C 150 -21.48 -8.13 13.87
N GLU C 151 -20.78 -9.25 13.74
CA GLU C 151 -19.34 -9.23 13.39
C GLU C 151 -19.31 -8.79 11.93
N PRO C 152 -18.62 -7.68 11.62
CA PRO C 152 -18.67 -7.13 10.26
C PRO C 152 -18.06 -8.01 9.19
N GLY C 153 -18.53 -7.81 7.96
CA GLY C 153 -18.05 -8.53 6.78
C GLY C 153 -19.16 -9.09 5.89
N PHE C 154 -20.29 -9.48 6.50
CA PHE C 154 -21.37 -10.10 5.75
C PHE C 154 -22.74 -9.66 6.23
N GLY C 155 -23.69 -9.70 5.30
CA GLY C 155 -25.09 -9.41 5.62
C GLY C 155 -25.74 -10.71 6.07
N GLY C 156 -27.00 -10.61 6.48
CA GLY C 156 -27.78 -11.78 6.91
C GLY C 156 -27.40 -12.45 8.23
N GLN C 157 -26.55 -11.83 9.06
CA GLN C 157 -26.18 -12.49 10.33
C GLN C 157 -27.18 -12.17 11.47
N LYS C 158 -27.07 -12.91 12.58
CA LYS C 158 -27.97 -12.68 13.70
C LYS C 158 -27.59 -11.45 14.57
N PHE C 159 -28.57 -10.58 14.78
CA PHE C 159 -28.45 -9.41 15.62
C PHE C 159 -27.91 -9.80 16.99
N MET C 160 -26.90 -9.06 17.46
CA MET C 160 -26.28 -9.31 18.77
C MET C 160 -26.80 -8.28 19.76
N ALA C 161 -27.90 -8.62 20.43
CA ALA C 161 -28.54 -7.73 21.36
C ALA C 161 -27.63 -7.21 22.46
N ASP C 162 -26.67 -8.01 22.87
N ASP C 162 -26.67 -7.99 22.91
CA ASP C 162 -25.75 -7.59 23.93
CA ASP C 162 -25.80 -7.50 23.99
C ASP C 162 -24.97 -6.32 23.54
C ASP C 162 -25.02 -6.26 23.55
N MET C 163 -24.88 -6.05 22.24
CA MET C 163 -24.18 -4.86 21.75
C MET C 163 -24.95 -3.56 22.06
N LEU C 164 -26.25 -3.68 22.33
CA LEU C 164 -27.05 -2.51 22.64
C LEU C 164 -26.62 -1.82 23.94
N GLN C 165 -25.89 -2.50 24.81
CA GLN C 165 -25.38 -1.83 26.02
C GLN C 165 -24.49 -0.66 25.62
N LYS C 166 -23.71 -0.82 24.56
CA LYS C 166 -22.86 0.27 24.09
C LYS C 166 -23.73 1.45 23.63
N VAL C 167 -24.81 1.16 22.93
CA VAL C 167 -25.72 2.19 22.46
C VAL C 167 -26.28 2.94 23.68
N ARG C 168 -26.73 2.20 24.69
CA ARG C 168 -27.31 2.83 25.90
C ARG C 168 -26.31 3.73 26.59
N THR C 169 -25.10 3.24 26.75
CA THR C 169 -24.08 4.02 27.41
C THR C 169 -23.81 5.28 26.61
N ALA C 170 -23.63 5.10 25.31
CA ALA C 170 -23.37 6.25 24.45
C ALA C 170 -24.50 7.25 24.49
N ARG C 171 -25.72 6.78 24.42
CA ARG C 171 -26.87 7.68 24.44
C ARG C 171 -26.95 8.51 25.74
N SER C 172 -26.63 7.88 26.87
N SER C 172 -26.63 7.87 26.86
CA SER C 172 -26.66 8.59 28.14
CA SER C 172 -26.64 8.54 28.15
C SER C 172 -25.63 9.73 28.16
C SER C 172 -25.61 9.67 28.23
N LEU C 173 -24.44 9.44 27.65
CA LEU C 173 -23.35 10.42 27.66
C LEU C 173 -23.50 11.53 26.64
N PHE C 174 -24.06 11.16 25.47
CA PHE C 174 -24.14 12.08 24.35
C PHE C 174 -25.55 12.08 23.81
N PRO C 175 -26.46 12.78 24.51
CA PRO C 175 -27.86 12.80 24.13
C PRO C 175 -28.14 13.38 22.76
N LYS C 176 -27.21 14.16 22.22
CA LYS C 176 -27.44 14.78 20.91
C LYS C 176 -26.63 14.14 19.77
N LEU C 177 -25.89 13.09 20.07
CA LEU C 177 -25.09 12.42 19.07
C LEU C 177 -25.89 11.39 18.23
N ASN C 178 -25.71 11.42 16.92
CA ASN C 178 -26.35 10.39 16.10
C ASN C 178 -25.69 9.10 16.44
N ILE C 179 -26.50 8.08 16.75
CA ILE C 179 -25.97 6.76 17.03
C ILE C 179 -26.61 5.79 16.03
N GLN C 180 -25.74 5.13 15.27
CA GLN C 180 -26.13 4.21 14.23
C GLN C 180 -25.85 2.78 14.67
N VAL C 181 -26.72 1.87 14.26
CA VAL C 181 -26.48 0.45 14.46
C VAL C 181 -26.51 -0.22 13.09
N ASP C 182 -25.74 -1.29 12.96
CA ASP C 182 -25.57 -1.98 11.70
C ASP C 182 -25.29 -3.45 11.95
N GLY C 183 -26.14 -4.28 11.38
CA GLY C 183 -26.06 -5.74 11.49
C GLY C 183 -27.34 -6.35 12.04
N GLY C 184 -28.08 -7.04 11.17
CA GLY C 184 -29.29 -7.73 11.57
C GLY C 184 -30.49 -6.88 11.94
N LEU C 185 -30.53 -5.62 11.50
CA LEU C 185 -31.69 -4.80 11.78
C LEU C 185 -32.87 -5.15 10.87
N ASP C 186 -34.04 -5.33 11.50
CA ASP C 186 -35.28 -5.62 10.80
C ASP C 186 -36.43 -5.11 11.65
N GLY C 187 -37.65 -5.46 11.24
CA GLY C 187 -38.86 -5.03 11.92
C GLY C 187 -38.93 -5.40 13.38
N GLU C 188 -38.26 -6.49 13.77
CA GLU C 188 -38.27 -6.88 15.19
C GLU C 188 -37.13 -6.23 15.94
N THR C 189 -35.90 -6.33 15.42
CA THR C 189 -34.71 -5.84 16.14
C THR C 189 -34.63 -4.33 16.27
N VAL C 190 -35.35 -3.62 15.42
CA VAL C 190 -35.30 -2.19 15.48
C VAL C 190 -35.90 -1.69 16.81
N LYS C 191 -36.83 -2.44 17.38
CA LYS C 191 -37.45 -2.03 18.64
C LYS C 191 -36.45 -1.97 19.78
N PRO C 192 -35.76 -3.07 20.06
CA PRO C 192 -34.80 -2.93 21.16
C PRO C 192 -33.69 -1.92 20.82
N ALA C 193 -33.31 -1.83 19.53
CA ALA C 193 -32.28 -0.91 19.14
C ALA C 193 -32.66 0.52 19.43
N ALA C 194 -33.87 0.90 19.03
CA ALA C 194 -34.38 2.26 19.29
C ALA C 194 -34.59 2.52 20.77
N SER C 195 -35.10 1.55 21.54
CA SER C 195 -35.25 1.73 22.99
C SER C 195 -33.91 2.02 23.67
N ALA C 196 -32.87 1.37 23.15
CA ALA C 196 -31.52 1.51 23.66
C ALA C 196 -30.93 2.90 23.33
N GLY C 197 -31.50 3.57 22.34
CA GLY C 197 -31.08 4.91 21.97
C GLY C 197 -30.58 5.14 20.55
N ALA C 198 -30.57 4.12 19.71
CA ALA C 198 -30.12 4.29 18.32
C ALA C 198 -31.15 5.04 17.52
N ASN C 199 -30.75 6.09 16.82
CA ASN C 199 -31.69 6.84 15.99
C ASN C 199 -31.37 6.69 14.51
N VAL C 200 -30.25 6.04 14.17
CA VAL C 200 -29.86 5.85 12.79
C VAL C 200 -29.79 4.35 12.55
N ILE C 201 -30.55 3.85 11.59
CA ILE C 201 -30.66 2.43 11.37
C ILE C 201 -30.17 2.03 10.00
N VAL C 202 -29.21 1.11 9.97
CA VAL C 202 -28.75 0.53 8.71
C VAL C 202 -29.47 -0.82 8.59
N ALA C 203 -30.13 -1.00 7.46
CA ALA C 203 -30.88 -2.23 7.25
C ALA C 203 -30.52 -2.73 5.88
N GLY C 204 -30.06 -3.97 5.81
CA GLY C 204 -29.68 -4.57 4.54
C GLY C 204 -30.70 -5.58 4.05
N THR C 205 -30.50 -6.83 4.46
CA THR C 205 -31.33 -7.95 4.03
C THR C 205 -32.80 -7.63 4.19
N SER C 206 -33.20 -7.15 5.36
CA SER C 206 -34.63 -6.86 5.63
C SER C 206 -35.22 -5.86 4.67
N MET C 207 -34.42 -4.86 4.32
CA MET C 207 -34.91 -3.80 3.48
C MET C 207 -35.09 -4.24 2.03
N PHE C 208 -34.12 -5.00 1.53
CA PHE C 208 -34.18 -5.46 0.15
C PHE C 208 -35.10 -6.65 -0.03
N LYS C 209 -35.47 -7.32 1.04
CA LYS C 209 -36.46 -8.41 0.95
C LYS C 209 -37.87 -7.85 1.18
N ALA C 210 -38.00 -6.66 1.73
CA ALA C 210 -39.34 -6.15 2.05
C ALA C 210 -40.25 -6.05 0.83
N GLU C 211 -41.49 -6.50 0.96
CA GLU C 211 -42.46 -6.31 -0.13
C GLU C 211 -42.69 -4.81 -0.33
N ASN C 212 -42.62 -4.03 0.74
CA ASN C 212 -42.85 -2.58 0.64
C ASN C 212 -41.85 -1.88 1.53
N PRO C 213 -40.65 -1.61 0.99
CA PRO C 213 -39.61 -1.00 1.78
C PRO C 213 -39.97 0.37 2.25
N ALA C 214 -40.82 1.09 1.52
CA ALA C 214 -41.22 2.44 1.98
C ALA C 214 -41.92 2.35 3.35
N ALA C 215 -42.78 1.36 3.49
CA ALA C 215 -43.52 1.18 4.70
C ALA C 215 -42.62 0.69 5.81
N LEU C 216 -41.66 -0.18 5.49
CA LEU C 216 -40.74 -0.66 6.51
C LEU C 216 -39.93 0.50 7.07
N MET C 217 -39.47 1.37 6.20
CA MET C 217 -38.68 2.51 6.64
C MET C 217 -39.52 3.40 7.51
N THR C 218 -40.77 3.59 7.12
CA THR C 218 -41.68 4.44 7.91
C THR C 218 -41.95 3.82 9.26
N PHE C 219 -42.13 2.50 9.29
CA PHE C 219 -42.34 1.77 10.54
C PHE C 219 -41.17 2.00 11.46
N MET C 220 -39.98 1.93 10.90
CA MET C 220 -38.76 2.12 11.68
C MET C 220 -38.66 3.52 12.25
N ARG C 221 -38.99 4.55 11.47
CA ARG C 221 -39.01 5.91 11.99
C ARG C 221 -40.04 6.05 13.13
N ASP C 222 -41.20 5.39 12.97
CA ASP C 222 -42.26 5.43 14.00
C ASP C 222 -41.72 4.83 15.28
N VAL C 223 -40.98 3.73 15.17
CA VAL C 223 -40.42 3.06 16.33
C VAL C 223 -39.41 3.96 17.05
N ILE C 224 -38.55 4.59 16.28
CA ILE C 224 -37.55 5.51 16.85
C ILE C 224 -38.23 6.71 17.53
N ALA C 225 -39.21 7.29 16.87
CA ALA C 225 -39.94 8.42 17.41
C ALA C 225 -40.64 8.04 18.72
N ALA C 226 -41.18 6.84 18.76
CA ALA C 226 -41.89 6.37 19.97
C ALA C 226 -40.94 5.95 21.09
N SER C 227 -39.67 5.73 20.79
CA SER C 227 -38.76 5.20 21.80
C SER C 227 -38.33 6.21 22.82
N ASP C 228 -38.67 7.48 22.60
CA ASP C 228 -38.28 8.54 23.51
C ASP C 228 -36.77 8.78 23.37
N THR C 229 -36.21 8.32 22.23
CA THR C 229 -34.79 8.54 21.90
C THR C 229 -34.66 10.01 21.54
N LEU C 230 -35.66 10.49 20.79
CA LEU C 230 -35.69 11.86 20.31
C LEU C 230 -36.09 12.82 21.43
N SER D 3 32.38 -23.40 23.25
CA SER D 3 31.67 -22.39 24.09
C SER D 3 30.13 -22.52 23.94
N GLN D 4 29.40 -21.66 24.66
CA GLN D 4 27.93 -21.67 24.67
C GLN D 4 27.28 -20.34 24.20
N LEU D 5 25.97 -20.25 24.42
CA LEU D 5 25.18 -19.10 24.04
C LEU D 5 25.51 -17.90 24.93
N LYS D 6 25.56 -16.73 24.33
CA LYS D 6 25.81 -15.50 25.05
C LYS D 6 24.56 -14.70 25.01
N PRO D 7 24.30 -13.95 26.07
CA PRO D 7 23.13 -13.08 26.06
C PRO D 7 23.51 -11.85 25.28
N ILE D 8 22.71 -11.51 24.27
CA ILE D 8 23.01 -10.41 23.40
C ILE D 8 21.82 -9.48 23.31
N ILE D 9 22.02 -8.22 23.70
CA ILE D 9 20.97 -7.21 23.67
C ILE D 9 21.25 -6.18 22.56
N CYS D 10 20.23 -5.93 21.73
CA CYS D 10 20.36 -5.09 20.58
C CYS D 10 19.26 -4.05 20.47
N PRO D 11 19.51 -2.83 20.95
CA PRO D 11 18.53 -1.77 20.76
C PRO D 11 18.23 -1.56 19.27
N SER D 12 16.95 -1.37 18.94
CA SER D 12 16.51 -1.17 17.57
C SER D 12 16.48 0.32 17.25
N VAL D 13 17.37 0.78 16.37
CA VAL D 13 17.48 2.23 16.12
C VAL D 13 16.27 2.84 15.45
N LEU D 14 15.42 1.99 14.86
CA LEU D 14 14.18 2.44 14.22
C LEU D 14 13.28 3.11 15.26
N ALA D 15 13.43 2.69 16.52
CA ALA D 15 12.68 3.27 17.64
C ALA D 15 13.31 4.54 18.23
N SER D 16 14.46 4.96 17.72
CA SER D 16 15.14 6.14 18.25
C SER D 16 14.66 7.40 17.57
N ASP D 17 15.39 8.49 17.80
CA ASP D 17 15.11 9.74 17.11
C ASP D 17 15.80 9.58 15.78
N LEU D 18 14.99 9.31 14.77
CA LEU D 18 15.48 9.04 13.45
C LEU D 18 16.27 10.20 12.81
N SER D 19 16.13 11.42 13.33
CA SER D 19 16.87 12.56 12.80
C SER D 19 18.16 12.83 13.62
N SER D 20 18.45 11.94 14.58
CA SER D 20 19.69 12.01 15.36
C SER D 20 20.14 10.59 15.70
N LEU D 21 20.32 9.79 14.67
CA LEU D 21 20.63 8.41 14.85
C LEU D 21 21.95 8.15 15.53
N ALA D 22 22.98 8.89 15.17
CA ALA D 22 24.30 8.70 15.73
C ALA D 22 24.31 8.98 17.21
N SER D 23 23.64 10.07 17.59
N SER D 23 23.65 10.07 17.61
CA SER D 23 23.56 10.47 18.98
CA SER D 23 23.59 10.44 19.03
C SER D 23 22.87 9.42 19.84
C SER D 23 22.88 9.39 19.85
N ASP D 24 21.74 8.93 19.36
CA ASP D 24 20.99 7.88 20.06
C ASP D 24 21.73 6.54 20.08
N ALA D 25 22.38 6.22 18.97
CA ALA D 25 23.15 5.01 18.88
C ALA D 25 24.32 5.08 19.86
N LYS D 26 24.99 6.22 19.92
CA LYS D 26 26.11 6.39 20.83
C LYS D 26 25.65 6.25 22.28
N ARG D 27 24.46 6.75 22.58
CA ARG D 27 23.91 6.59 23.96
C ARG D 27 23.75 5.08 24.27
N MET D 28 23.27 4.30 23.30
CA MET D 28 23.08 2.87 23.48
C MET D 28 24.41 2.15 23.63
N VAL D 29 25.41 2.55 22.85
CA VAL D 29 26.74 1.96 22.96
C VAL D 29 27.31 2.29 24.34
N ASP D 30 27.14 3.52 24.79
CA ASP D 30 27.66 3.92 26.08
C ASP D 30 26.90 3.21 27.19
N ALA D 31 25.63 2.90 26.98
CA ALA D 31 24.86 2.18 28.01
C ALA D 31 25.17 0.66 27.98
N GLY D 32 26.14 0.25 27.16
CA GLY D 32 26.57 -1.15 27.14
C GLY D 32 25.77 -2.10 26.27
N CYS D 33 25.27 -1.64 25.11
CA CYS D 33 24.56 -2.58 24.27
C CYS D 33 25.57 -3.55 23.64
N ASP D 34 25.11 -4.71 23.22
CA ASP D 34 25.95 -5.65 22.53
C ASP D 34 25.92 -5.36 21.04
N TRP D 35 24.73 -5.27 20.48
CA TRP D 35 24.58 -4.99 19.05
C TRP D 35 23.63 -3.80 18.81
N LEU D 36 23.72 -3.20 17.63
CA LEU D 36 22.74 -2.18 17.19
C LEU D 36 21.92 -2.86 16.08
N HIS D 37 20.61 -2.93 16.28
CA HIS D 37 19.72 -3.58 15.35
C HIS D 37 19.19 -2.53 14.38
N LEU D 38 19.40 -2.80 13.09
CA LEU D 38 19.05 -1.86 12.03
C LEU D 38 18.01 -2.47 11.08
N ASP D 39 16.77 -2.05 11.21
CA ASP D 39 15.69 -2.54 10.34
C ASP D 39 15.63 -1.82 9.02
N ILE D 40 15.84 -2.56 7.94
CA ILE D 40 15.84 -2.02 6.60
C ILE D 40 14.50 -2.45 5.94
N MET D 41 13.71 -1.47 5.55
CA MET D 41 12.38 -1.72 5.00
C MET D 41 12.25 -0.99 3.67
N ASP D 42 11.80 -1.70 2.62
CA ASP D 42 11.75 -1.14 1.28
C ASP D 42 10.37 -0.72 0.80
N GLY D 43 9.37 -0.76 1.66
CA GLY D 43 8.04 -0.36 1.28
C GLY D 43 7.29 -1.31 0.36
N HIS D 44 7.86 -2.48 0.09
CA HIS D 44 7.23 -3.51 -0.76
C HIS D 44 7.05 -4.76 0.07
N PHE D 45 8.15 -5.27 0.64
CA PHE D 45 8.07 -6.49 1.47
C PHE D 45 7.25 -6.20 2.73
N VAL D 46 7.35 -4.98 3.25
CA VAL D 46 6.54 -4.52 4.38
C VAL D 46 6.09 -3.15 3.96
N PRO D 47 4.98 -2.65 4.50
CA PRO D 47 4.42 -1.37 4.07
C PRO D 47 5.06 -0.11 4.71
N ASN D 48 6.36 -0.08 4.79
CA ASN D 48 7.02 1.07 5.32
C ASN D 48 8.43 1.11 4.73
N ILE D 49 8.99 2.30 4.71
CA ILE D 49 10.36 2.53 4.27
C ILE D 49 11.08 3.10 5.51
N SER D 50 12.20 2.50 5.90
CA SER D 50 12.95 2.99 7.07
C SER D 50 14.18 3.84 6.65
N PHE D 51 15.28 3.18 6.31
CA PHE D 51 16.52 3.82 5.86
C PHE D 51 17.33 2.76 5.16
N GLY D 52 18.38 3.19 4.48
CA GLY D 52 19.20 2.28 3.69
C GLY D 52 20.67 2.26 4.05
N PRO D 53 21.49 1.81 3.11
CA PRO D 53 22.95 1.69 3.31
C PRO D 53 23.62 2.97 3.73
N GLY D 54 23.19 4.10 3.17
CA GLY D 54 23.75 5.40 3.49
C GLY D 54 23.71 5.72 4.97
N VAL D 55 22.60 5.41 5.62
CA VAL D 55 22.47 5.64 7.05
C VAL D 55 23.42 4.76 7.85
N VAL D 56 23.52 3.50 7.46
CA VAL D 56 24.40 2.57 8.16
C VAL D 56 25.84 2.98 8.01
N LYS D 57 26.22 3.38 6.80
CA LYS D 57 27.57 3.84 6.55
C LYS D 57 27.93 5.09 7.36
N ALA D 58 26.97 6.00 7.48
CA ALA D 58 27.19 7.21 8.25
C ALA D 58 27.33 6.84 9.71
N LEU D 59 26.53 5.88 10.17
CA LEU D 59 26.68 5.45 11.57
C LEU D 59 28.05 4.83 11.85
N ARG D 60 28.50 3.96 10.94
CA ARG D 60 29.80 3.30 11.08
C ARG D 60 30.89 4.36 11.23
N GLY D 61 30.77 5.46 10.49
CA GLY D 61 31.72 6.58 10.58
C GLY D 61 31.83 7.14 11.99
N HIS D 62 30.73 7.17 12.72
CA HIS D 62 30.74 7.68 14.10
C HIS D 62 31.03 6.61 15.14
N LEU D 63 30.70 5.35 14.83
CA LEU D 63 30.83 4.25 15.79
C LEU D 63 31.65 3.11 15.21
N LYS D 64 32.96 3.28 15.26
CA LYS D 64 33.89 2.38 14.64
C LYS D 64 33.90 0.93 15.10
N SER D 65 33.56 0.68 16.36
N SER D 65 33.59 0.69 16.36
CA SER D 65 33.65 -0.68 16.86
CA SER D 65 33.66 -0.67 16.88
C SER D 65 32.32 -1.35 17.12
C SER D 65 32.34 -1.24 17.36
N ALA D 66 31.23 -0.59 17.05
CA ALA D 66 29.92 -1.17 17.36
C ALA D 66 29.59 -2.32 16.38
N PHE D 67 28.78 -3.26 16.84
CA PHE D 67 28.38 -4.39 16.03
C PHE D 67 27.04 -4.04 15.40
N PHE D 68 27.01 -4.02 14.08
CA PHE D 68 25.81 -3.66 13.32
C PHE D 68 25.08 -4.92 12.86
N ASP D 69 23.85 -5.07 13.34
CA ASP D 69 22.96 -6.19 13.05
C ASP D 69 21.89 -5.67 12.10
N VAL D 70 22.05 -5.97 10.82
CA VAL D 70 21.15 -5.49 9.80
C VAL D 70 20.07 -6.50 9.48
N HIS D 71 18.82 -6.06 9.58
CA HIS D 71 17.66 -6.90 9.32
C HIS D 71 16.97 -6.39 8.06
N LEU D 72 17.07 -7.20 7.02
CA LEU D 72 16.50 -6.86 5.71
C LEU D 72 15.01 -7.29 5.54
N MET D 73 14.12 -6.31 5.63
CA MET D 73 12.72 -6.53 5.38
C MET D 73 12.47 -5.93 3.99
N VAL D 74 13.04 -6.61 3.00
CA VAL D 74 13.01 -6.17 1.62
C VAL D 74 12.65 -7.33 0.70
N SER D 75 12.21 -7.00 -0.52
CA SER D 75 11.77 -8.00 -1.47
C SER D 75 12.91 -8.81 -2.07
N GLU D 76 14.05 -8.17 -2.27
N GLU D 76 14.06 -8.22 -2.15
CA GLU D 76 15.16 -8.82 -2.94
CA GLU D 76 15.09 -8.79 -2.90
C GLU D 76 16.43 -8.66 -2.15
C GLU D 76 16.43 -8.68 -2.17
N PRO D 77 16.59 -9.43 -1.08
CA PRO D 77 17.76 -9.30 -0.23
C PRO D 77 19.09 -9.43 -0.96
N GLU D 78 19.14 -10.19 -2.06
CA GLU D 78 20.36 -10.40 -2.81
C GLU D 78 20.99 -9.08 -3.25
N LYS D 79 20.18 -8.11 -3.61
CA LYS D 79 20.78 -6.89 -4.09
C LYS D 79 21.26 -5.96 -3.00
N TRP D 80 21.07 -6.32 -1.74
CA TRP D 80 21.46 -5.45 -0.63
C TRP D 80 22.66 -5.95 0.13
N ILE D 81 23.15 -7.14 -0.20
CA ILE D 81 24.29 -7.68 0.53
C ILE D 81 25.55 -6.81 0.35
N GLN D 82 25.91 -6.51 -0.88
CA GLN D 82 27.10 -5.70 -1.08
C GLN D 82 27.00 -4.27 -0.49
N PRO D 83 25.89 -3.59 -0.72
CA PRO D 83 25.76 -2.26 -0.14
C PRO D 83 25.87 -2.27 1.39
N PHE D 84 25.18 -3.18 2.06
CA PHE D 84 25.26 -3.24 3.53
C PHE D 84 26.60 -3.77 4.05
N ALA D 85 27.23 -4.68 3.32
CA ALA D 85 28.56 -5.14 3.69
C ALA D 85 29.53 -3.98 3.61
N ASP D 86 29.43 -3.22 2.54
CA ASP D 86 30.32 -2.05 2.37
C ASP D 86 29.99 -0.95 3.38
N ALA D 87 28.73 -0.86 3.80
CA ALA D 87 28.36 0.14 4.82
C ALA D 87 28.85 -0.26 6.23
N GLY D 88 29.23 -1.51 6.41
CA GLY D 88 29.79 -1.96 7.68
C GLY D 88 29.00 -2.96 8.51
N ALA D 89 28.01 -3.62 7.91
CA ALA D 89 27.23 -4.63 8.65
C ALA D 89 28.13 -5.75 9.17
N ASN D 90 27.87 -6.21 10.40
CA ASN D 90 28.56 -7.34 11.01
C ASN D 90 27.69 -8.62 10.95
N SER D 91 26.38 -8.43 10.77
CA SER D 91 25.46 -9.51 10.64
C SER D 91 24.39 -9.02 9.71
N ILE D 92 23.91 -9.90 8.83
CA ILE D 92 22.83 -9.56 7.93
C ILE D 92 21.78 -10.65 8.01
N THR D 93 20.55 -10.26 8.35
CA THR D 93 19.44 -11.18 8.43
C THR D 93 18.48 -10.94 7.29
N PHE D 94 18.09 -12.01 6.59
CA PHE D 94 17.09 -11.88 5.55
C PHE D 94 15.93 -12.80 5.81
N HIS D 95 14.80 -12.48 5.21
CA HIS D 95 13.62 -13.29 5.38
C HIS D 95 13.46 -14.48 4.46
N TRP D 96 13.05 -15.60 5.05
CA TRP D 96 12.71 -16.82 4.32
C TRP D 96 11.68 -16.47 3.23
N GLU D 97 10.70 -15.65 3.59
CA GLU D 97 9.64 -15.26 2.68
C GLU D 97 10.14 -14.39 1.51
N SER D 98 11.31 -13.77 1.66
CA SER D 98 11.89 -12.93 0.61
C SER D 98 12.64 -13.73 -0.42
N VAL D 99 12.92 -15.00 -0.13
CA VAL D 99 13.63 -15.84 -1.10
C VAL D 99 12.78 -17.02 -1.56
N GLY D 100 11.49 -16.76 -1.70
CA GLY D 100 10.52 -17.74 -2.23
C GLY D 100 10.34 -18.97 -1.38
N GLY D 101 10.68 -18.87 -0.09
CA GLY D 101 10.59 -20.04 0.77
C GLY D 101 11.38 -21.18 0.17
N ASP D 102 12.48 -20.82 -0.50
CA ASP D 102 13.32 -21.78 -1.21
C ASP D 102 14.63 -22.08 -0.46
N LEU D 103 14.76 -23.32 -0.01
CA LEU D 103 15.92 -23.76 0.74
C LEU D 103 17.26 -23.51 0.03
N GLN D 104 17.36 -23.86 -1.24
N GLN D 104 17.37 -23.93 -1.23
CA GLN D 104 18.62 -23.67 -1.95
CA GLN D 104 18.62 -23.77 -2.02
C GLN D 104 18.97 -22.15 -2.11
C GLN D 104 19.04 -22.29 -2.09
N ARG D 105 17.96 -21.33 -2.35
N ARG D 105 18.08 -21.42 -2.39
CA ARG D 105 18.16 -19.89 -2.49
CA ARG D 105 18.36 -19.99 -2.46
C ARG D 105 18.58 -19.24 -1.14
C ARG D 105 18.76 -19.40 -1.10
N ALA D 106 18.04 -19.74 -0.05
CA ALA D 106 18.37 -19.24 1.30
C ALA D 106 19.80 -19.62 1.67
N ALA D 107 20.15 -20.88 1.46
CA ALA D 107 21.46 -21.41 1.86
C ALA D 107 22.55 -20.73 1.04
N GLU D 108 22.25 -20.50 -0.23
CA GLU D 108 23.21 -19.84 -1.10
C GLU D 108 23.45 -18.39 -0.64
N LEU D 109 22.36 -17.69 -0.35
CA LEU D 109 22.50 -16.32 0.10
C LEU D 109 23.28 -16.23 1.42
N ALA D 110 23.01 -17.15 2.33
CA ALA D 110 23.74 -17.16 3.58
C ALA D 110 25.24 -17.29 3.35
N LYS D 111 25.64 -18.09 2.38
CA LYS D 111 27.08 -18.25 2.08
C LYS D 111 27.66 -16.99 1.45
N ARG D 112 26.86 -16.30 0.65
CA ARG D 112 27.33 -15.07 0.07
C ARG D 112 27.65 -14.03 1.16
N ILE D 113 26.84 -14.00 2.20
CA ILE D 113 27.04 -13.08 3.33
C ILE D 113 28.26 -13.52 4.14
N GLN D 114 28.36 -14.82 4.37
CA GLN D 114 29.45 -15.38 5.17
C GLN D 114 30.81 -15.23 4.51
N ALA D 115 30.82 -15.21 3.18
CA ALA D 115 32.05 -15.01 2.42
C ALA D 115 32.72 -13.68 2.76
N ARG D 116 31.88 -12.70 3.11
N ARG D 116 31.90 -12.68 3.11
CA ARG D 116 32.34 -11.36 3.49
CA ARG D 116 32.40 -11.36 3.48
C ARG D 116 32.65 -11.26 4.99
C ARG D 116 32.82 -11.29 4.95
N GLY D 117 32.69 -12.38 5.68
CA GLY D 117 33.03 -12.37 7.12
C GLY D 117 31.88 -11.83 7.96
N ILE D 118 30.68 -11.84 7.41
CA ILE D 118 29.51 -11.33 8.06
C ILE D 118 28.65 -12.50 8.51
N LYS D 119 27.99 -12.36 9.67
CA LYS D 119 27.09 -13.42 10.16
C LYS D 119 25.80 -13.35 9.34
N ALA D 120 25.21 -14.52 9.08
CA ALA D 120 24.00 -14.64 8.30
C ALA D 120 22.84 -15.11 9.17
N GLY D 121 21.75 -14.35 9.13
CA GLY D 121 20.55 -14.69 9.86
C GLY D 121 19.38 -14.95 8.94
N LEU D 122 18.48 -15.80 9.40
CA LEU D 122 17.26 -16.10 8.68
C LEU D 122 16.09 -15.69 9.57
N ALA D 123 15.16 -14.94 8.99
CA ALA D 123 14.00 -14.47 9.72
C ALA D 123 12.70 -15.05 9.18
N ILE D 124 11.75 -15.24 10.09
CA ILE D 124 10.38 -15.66 9.75
C ILE D 124 9.32 -14.78 10.36
N LYS D 125 8.34 -14.46 9.52
CA LYS D 125 7.19 -13.66 9.90
C LYS D 125 6.26 -14.49 10.73
N PRO D 126 5.37 -13.84 11.47
CA PRO D 126 4.47 -14.61 12.31
C PRO D 126 3.65 -15.68 11.58
N ALA D 127 3.15 -15.37 10.40
CA ALA D 127 2.31 -16.33 9.66
C ALA D 127 3.11 -17.50 9.11
N THR D 128 4.42 -17.37 9.05
CA THR D 128 5.20 -18.48 8.53
C THR D 128 5.43 -19.55 9.60
N LYS D 129 5.00 -20.78 9.32
CA LYS D 129 5.23 -21.89 10.25
C LYS D 129 6.71 -22.25 10.32
N PHE D 130 7.17 -22.54 11.54
CA PHE D 130 8.57 -22.92 11.74
C PHE D 130 8.95 -24.19 10.98
N GLU D 131 8.05 -25.17 10.95
CA GLU D 131 8.33 -26.45 10.26
C GLU D 131 8.92 -26.24 8.88
N ASP D 132 8.50 -25.19 8.20
CA ASP D 132 9.04 -24.87 6.86
C ASP D 132 10.56 -24.64 6.85
N LEU D 133 11.12 -24.12 7.94
CA LEU D 133 12.56 -23.87 8.03
C LEU D 133 13.40 -24.99 8.58
N GLY D 134 12.76 -26.02 9.12
CA GLY D 134 13.50 -27.11 9.74
C GLY D 134 14.83 -27.38 9.06
N GLU D 135 14.75 -27.74 7.79
CA GLU D 135 15.92 -28.13 7.03
C GLU D 135 16.90 -26.97 6.77
N ALA D 136 16.36 -25.77 6.60
CA ALA D 136 17.18 -24.63 6.29
C ALA D 136 18.21 -24.34 7.37
N LEU D 137 17.88 -24.62 8.62
CA LEU D 137 18.77 -24.36 9.75
C LEU D 137 19.78 -25.46 10.03
N ALA D 138 19.69 -26.57 9.33
CA ALA D 138 20.66 -27.65 9.50
C ALA D 138 22.02 -27.29 8.88
N GLY D 139 22.97 -28.18 9.08
CA GLY D 139 24.31 -28.02 8.52
C GLY D 139 24.90 -26.63 8.60
N ASP D 140 24.63 -25.95 9.72
CA ASP D 140 25.19 -24.61 9.95
C ASP D 140 25.10 -23.64 8.76
N ASN D 141 23.99 -23.70 8.04
CA ASN D 141 23.73 -22.76 6.97
C ASN D 141 23.66 -21.33 7.53
N PHE D 142 23.07 -21.18 8.72
CA PHE D 142 22.88 -19.85 9.34
C PHE D 142 23.55 -19.70 10.68
N ASP D 143 23.90 -18.46 11.00
CA ASP D 143 24.50 -18.12 12.29
C ASP D 143 23.42 -17.71 13.29
N MET D 144 22.23 -17.43 12.79
CA MET D 144 21.15 -16.99 13.64
C MET D 144 19.77 -17.17 13.01
N LEU D 145 18.79 -17.38 13.89
CA LEU D 145 17.39 -17.40 13.49
C LEU D 145 16.74 -16.23 14.20
N LEU D 146 15.94 -15.46 13.46
CA LEU D 146 15.16 -14.37 13.99
C LEU D 146 13.69 -14.73 13.90
N VAL D 147 13.05 -14.86 15.07
CA VAL D 147 11.62 -15.11 15.12
C VAL D 147 10.91 -13.80 15.42
N MET D 148 10.14 -13.31 14.45
CA MET D 148 9.37 -12.07 14.66
C MET D 148 8.30 -12.36 15.69
N THR D 149 8.16 -11.45 16.67
CA THR D 149 7.16 -11.58 17.69
C THR D 149 6.05 -10.51 17.52
N VAL D 150 6.11 -9.79 16.42
CA VAL D 150 5.06 -8.85 15.97
C VAL D 150 5.04 -8.94 14.46
N GLU D 151 3.98 -8.45 13.82
CA GLU D 151 3.92 -8.42 12.35
C GLU D 151 4.86 -7.28 11.94
N PRO D 152 5.88 -7.58 11.11
CA PRO D 152 6.90 -6.57 10.79
C PRO D 152 6.40 -5.34 10.02
N GLY D 153 7.08 -4.22 10.22
CA GLY D 153 6.74 -2.96 9.55
C GLY D 153 6.76 -1.75 10.45
N PHE D 154 6.27 -1.92 11.68
CA PHE D 154 6.20 -0.82 12.64
C PHE D 154 6.53 -1.24 14.07
N GLY D 155 6.90 -0.25 14.88
CA GLY D 155 7.20 -0.45 16.30
C GLY D 155 5.95 -0.20 17.13
N GLY D 156 6.06 -0.42 18.44
CA GLY D 156 4.94 -0.21 19.36
C GLY D 156 3.83 -1.27 19.36
N GLN D 157 4.01 -2.36 18.60
CA GLN D 157 2.99 -3.43 18.54
C GLN D 157 3.08 -4.40 19.72
N LYS D 158 2.01 -5.13 19.98
CA LYS D 158 2.00 -6.03 21.14
C LYS D 158 2.66 -7.39 20.89
N PHE D 159 3.48 -7.78 21.85
CA PHE D 159 4.20 -9.05 21.85
C PHE D 159 3.25 -10.21 21.59
N MET D 160 3.58 -11.06 20.61
CA MET D 160 2.77 -12.24 20.30
C MET D 160 3.46 -13.45 20.94
N ALA D 161 3.02 -13.80 22.16
CA ALA D 161 3.59 -14.89 22.92
C ALA D 161 3.51 -16.24 22.22
N ASP D 162 2.46 -16.46 21.42
CA ASP D 162 2.33 -17.74 20.68
C ASP D 162 3.51 -18.00 19.73
N MET D 163 4.23 -16.94 19.30
CA MET D 163 5.37 -17.11 18.42
C MET D 163 6.55 -17.77 19.16
N LEU D 164 6.53 -17.74 20.48
CA LEU D 164 7.60 -18.38 21.26
C LEU D 164 7.67 -19.88 21.04
N GLN D 165 6.57 -20.48 20.60
CA GLN D 165 6.57 -21.91 20.30
C GLN D 165 7.64 -22.21 19.20
N LYS D 166 7.80 -21.31 18.24
CA LYS D 166 8.83 -21.48 17.20
C LYS D 166 10.22 -21.43 17.84
N VAL D 167 10.41 -20.55 18.81
CA VAL D 167 11.70 -20.42 19.51
C VAL D 167 12.03 -21.70 20.25
N ARG D 168 11.03 -22.25 20.94
CA ARG D 168 11.20 -23.49 21.69
C ARG D 168 11.61 -24.64 20.80
N THR D 169 10.92 -24.79 19.68
CA THR D 169 11.21 -25.86 18.75
C THR D 169 12.63 -25.73 18.22
N ALA D 170 12.97 -24.53 17.79
CA ALA D 170 14.31 -24.24 17.25
C ALA D 170 15.39 -24.46 18.29
N ARG D 171 15.16 -23.99 19.51
CA ARG D 171 16.13 -24.19 20.58
C ARG D 171 16.39 -25.67 20.83
N SER D 172 15.34 -26.50 20.81
CA SER D 172 15.49 -27.95 20.98
C SER D 172 16.32 -28.57 19.87
N LEU D 173 15.97 -28.27 18.63
CA LEU D 173 16.68 -28.82 17.49
C LEU D 173 18.10 -28.26 17.34
N PHE D 174 18.31 -27.00 17.72
CA PHE D 174 19.60 -26.34 17.54
C PHE D 174 20.06 -25.62 18.81
N PRO D 175 20.62 -26.39 19.77
CA PRO D 175 21.03 -25.84 21.06
C PRO D 175 22.09 -24.74 21.04
N LYS D 176 22.91 -24.66 20.00
CA LYS D 176 23.97 -23.68 19.93
C LYS D 176 23.65 -22.49 18.99
N LEU D 177 22.55 -22.56 18.28
CA LEU D 177 22.17 -21.53 17.36
C LEU D 177 21.74 -20.24 18.07
N ASN D 178 22.24 -19.09 17.64
CA ASN D 178 21.73 -17.84 18.21
C ASN D 178 20.30 -17.68 17.76
N ILE D 179 19.41 -17.40 18.69
CA ILE D 179 18.02 -17.17 18.38
C ILE D 179 17.58 -15.79 18.89
N GLN D 180 17.16 -14.95 17.94
CA GLN D 180 16.76 -13.60 18.22
C GLN D 180 15.24 -13.47 18.16
N VAL D 181 14.69 -12.61 19.02
CA VAL D 181 13.28 -12.26 18.96
C VAL D 181 13.20 -10.77 18.78
N ASP D 182 12.17 -10.35 18.05
CA ASP D 182 12.03 -8.97 17.67
C ASP D 182 10.55 -8.61 17.54
N GLY D 183 10.16 -7.65 18.38
CA GLY D 183 8.80 -7.14 18.42
C GLY D 183 8.20 -7.21 19.82
N GLY D 184 8.04 -6.06 20.46
CA GLY D 184 7.42 -5.98 21.79
C GLY D 184 8.27 -6.46 22.96
N LEU D 185 9.58 -6.56 22.77
CA LEU D 185 10.43 -7.00 23.87
C LEU D 185 10.64 -5.91 24.91
N ASP D 186 10.42 -6.25 26.15
CA ASP D 186 10.66 -5.31 27.24
C ASP D 186 11.09 -6.08 28.48
N GLY D 187 11.21 -5.38 29.59
CA GLY D 187 11.64 -5.98 30.86
C GLY D 187 10.73 -7.11 31.36
N GLU D 188 9.52 -7.16 30.81
CA GLU D 188 8.56 -8.19 31.17
C GLU D 188 8.59 -9.35 30.16
N THR D 189 8.39 -9.05 28.87
CA THR D 189 8.32 -10.09 27.86
C THR D 189 9.65 -10.79 27.62
N VAL D 190 10.74 -10.23 28.11
CA VAL D 190 12.04 -10.91 27.95
C VAL D 190 12.04 -12.23 28.74
N LYS D 191 11.25 -12.28 29.79
CA LYS D 191 11.20 -13.47 30.64
C LYS D 191 10.69 -14.71 29.91
N PRO D 192 9.45 -14.68 29.40
CA PRO D 192 9.01 -15.81 28.62
C PRO D 192 9.89 -16.02 27.35
N ALA D 193 10.36 -14.96 26.74
CA ALA D 193 11.20 -15.12 25.56
C ALA D 193 12.47 -15.91 25.93
N ALA D 194 13.12 -15.52 27.01
CA ALA D 194 14.32 -16.21 27.43
C ALA D 194 14.04 -17.64 27.86
N SER D 195 12.94 -17.86 28.59
CA SER D 195 12.65 -19.21 29.01
C SER D 195 12.32 -20.07 27.80
N ALA D 196 11.80 -19.47 26.73
CA ALA D 196 11.48 -20.25 25.54
C ALA D 196 12.74 -20.64 24.80
N GLY D 197 13.84 -19.93 25.07
CA GLY D 197 15.14 -20.21 24.46
C GLY D 197 15.86 -19.11 23.68
N ALA D 198 15.28 -17.92 23.58
CA ALA D 198 15.92 -16.83 22.85
C ALA D 198 17.07 -16.24 23.65
N ASN D 199 18.21 -16.03 23.03
CA ASN D 199 19.33 -15.43 23.71
C ASN D 199 19.70 -14.06 23.12
N VAL D 200 19.08 -13.70 21.98
CA VAL D 200 19.37 -12.42 21.35
C VAL D 200 18.07 -11.64 21.40
N ILE D 201 18.12 -10.46 21.99
CA ILE D 201 16.93 -9.66 22.21
C ILE D 201 17.00 -8.32 21.49
N VAL D 202 16.05 -8.09 20.60
CA VAL D 202 15.94 -6.78 19.96
C VAL D 202 14.90 -6.03 20.77
N ALA D 203 15.30 -4.85 21.28
CA ALA D 203 14.42 -4.00 22.09
C ALA D 203 14.36 -2.60 21.47
N GLY D 204 13.15 -2.11 21.20
CA GLY D 204 12.98 -0.82 20.56
C GLY D 204 12.40 0.22 21.50
N THR D 205 11.10 0.40 21.41
CA THR D 205 10.42 1.42 22.19
C THR D 205 10.81 1.31 23.67
N SER D 206 10.80 0.10 24.24
CA SER D 206 11.15 -0.04 25.67
C SER D 206 12.52 0.54 26.01
N MET D 207 13.48 0.33 25.13
CA MET D 207 14.86 0.73 25.37
C MET D 207 15.08 2.22 25.29
N PHE D 208 14.49 2.87 24.30
CA PHE D 208 14.65 4.31 24.15
C PHE D 208 13.78 5.11 25.08
N LYS D 209 12.77 4.46 25.68
CA LYS D 209 11.91 5.12 26.66
C LYS D 209 12.53 5.01 28.04
N ALA D 210 13.27 3.93 28.29
CA ALA D 210 13.88 3.70 29.60
C ALA D 210 14.73 4.85 30.13
N GLU D 211 14.60 5.16 31.41
CA GLU D 211 15.41 6.24 32.00
C GLU D 211 16.83 5.75 32.27
N ASN D 212 17.00 4.44 32.48
CA ASN D 212 18.33 3.85 32.62
C ASN D 212 18.45 2.62 31.71
N PRO D 213 18.70 2.85 30.41
CA PRO D 213 18.80 1.74 29.49
C PRO D 213 19.93 0.76 29.86
N ALA D 214 21.01 1.23 30.47
CA ALA D 214 22.08 0.32 30.84
C ALA D 214 21.57 -0.76 31.82
N ALA D 215 20.78 -0.35 32.80
CA ALA D 215 20.28 -1.26 33.81
C ALA D 215 19.27 -2.24 33.17
N LEU D 216 18.47 -1.72 32.24
CA LEU D 216 17.53 -2.58 31.55
C LEU D 216 18.27 -3.62 30.72
N MET D 217 19.33 -3.23 30.04
CA MET D 217 20.06 -4.20 29.23
C MET D 217 20.74 -5.26 30.11
N THR D 218 21.28 -4.83 31.24
CA THR D 218 21.94 -5.78 32.15
C THR D 218 20.92 -6.74 32.69
N PHE D 219 19.76 -6.21 33.06
CA PHE D 219 18.71 -7.02 33.58
C PHE D 219 18.34 -8.08 32.53
N MET D 220 18.15 -7.65 31.29
CA MET D 220 17.82 -8.58 30.24
C MET D 220 18.88 -9.67 30.10
N ARG D 221 20.16 -9.29 30.11
N ARG D 221 20.16 -9.30 30.10
CA ARG D 221 21.23 -10.28 30.03
CA ARG D 221 21.19 -10.33 30.04
C ARG D 221 21.22 -11.21 31.25
C ARG D 221 21.05 -11.27 31.23
N ASP D 222 20.83 -10.70 32.41
CA ASP D 222 20.71 -11.52 33.64
C ASP D 222 19.59 -12.55 33.48
N VAL D 223 18.46 -12.12 32.92
CA VAL D 223 17.34 -13.04 32.71
C VAL D 223 17.74 -14.14 31.72
N ILE D 224 18.42 -13.77 30.64
CA ILE D 224 18.85 -14.78 29.67
C ILE D 224 19.86 -15.74 30.32
N ALA D 225 20.86 -15.22 31.02
CA ALA D 225 21.87 -16.08 31.67
C ALA D 225 21.23 -16.97 32.69
N ALA D 226 20.18 -16.51 33.35
CA ALA D 226 19.50 -17.37 34.35
C ALA D 226 18.62 -18.45 33.70
N SER D 227 18.18 -18.28 32.46
CA SER D 227 17.36 -19.30 31.82
C SER D 227 18.19 -20.57 31.47
N ASP D 228 19.47 -20.36 31.16
CA ASP D 228 20.41 -21.47 30.88
C ASP D 228 20.82 -22.20 32.17
#